data_9CVT
#
_entry.id   9CVT
#
_cell.length_a   1.00
_cell.length_b   1.00
_cell.length_c   1.00
_cell.angle_alpha   90.00
_cell.angle_beta   90.00
_cell.angle_gamma   90.00
#
_symmetry.space_group_name_H-M   'P 1'
#
loop_
_entity.id
_entity.type
_entity.pdbx_description
1 polymer 'Histone doublet miniH2B-H2A'
2 polymer 'Histone doublet H4-H3'
3 polymer 'Widom 601 Strand 1'
4 polymer 'Widom 601 Strand 2'
#
loop_
_entity_poly.entity_id
_entity_poly.type
_entity_poly.pdbx_seq_one_letter_code
_entity_poly.pdbx_strand_id
1 'polypeptide(L)'
;MDRVGKYGLFIKRISPKDADITKESLETVNNMLVFLAEKLTKQANIIIDQKTLRHDAFLWLLTDIQGELGKHSQDFANSV
LYGEKELVFPTKRTENLMRKNTCLRISQSAVKTLTAILEYFCGQIMEASFSQAKKSKRKRIRPIDIEAAISQDKELHSMF
GKGVISGR
;
A,B
2 'polypeptide(L)'
;MSKAGKKVKAQQHGHLADHVSVGETQIPKASTQHLLRKAGSLSAAGDTEVPIRGFVHMKLHKLVQKSLLAMQLAKRKTIM
KSDVKKAAELMHLPVFAIPTKDSGAKGSVFLSCRQKGAGSAGTGSETNSQEVRSQMKSTCLIIPKERFRTMAKEISKKEG
HDVHIAEAALDMLQVIVESCTVRLLEKALVITYSGKRTRVTSKDIETAFMLEHGPL
;
C,D
3 'polydeoxyribonucleotide'
;(DA)(DT)(DC)(DT)(DG)(DA)(DG)(DA)(DA)(DT)(DC)(DC)(DG)(DG)(DT)(DG)(DC)(DC)(DG)(DA)
(DG)(DG)(DC)(DC)(DG)(DC)(DT)(DC)(DA)(DA)(DT)(DT)(DG)(DG)(DT)(DC)(DG)(DT)(DA)(DG)
(DA)(DC)(DA)(DG)(DC)(DT)(DC)(DT)(DA)(DG)(DC)(DA)(DC)(DC)(DG)(DC)(DT)(DT)(DA)(DA)
(DA)(DC)(DG)(DC)(DA)(DC)(DG)(DT)(DA)(DC)(DG)(DC)(DG)(DC)(DT)(DG)(DT)(DC)(DC)(DC)
(DC)(DC)(DG)(DC)(DG)(DT)(DT)(DT)(DT)(DA)(DA)(DC)(DC)(DG)(DC)(DC)(DA)(DA)(DG)(DG)
(DG)(DG)(DA)(DT)(DT)(DA)(DC)(DT)(DC)(DC)(DC)(DT)(DA)(DG)(DT)(DC)(DT)(DC)(DC)(DA)
(DG)(DG)(DC)(DA)(DC)(DG)(DT)(DG)(DT)(DC)(DA)(DG)(DA)(DT)(DA)(DT)(DA)(DT)(DA)(DC)
(DA)(DT)(DC)(DC)(DG)(DA)(DT)
;
I
4 'polydeoxyribonucleotide'
;(DA)(DT)(DC)(DG)(DG)(DA)(DT)(DG)(DT)(DA)(DT)(DA)(DT)(DA)(DT)(DC)(DT)(DG)(DA)(DC)
(DA)(DC)(DG)(DT)(DG)(DC)(DC)(DT)(DG)(DG)(DA)(DG)(DA)(DC)(DT)(DA)(DG)(DG)(DG)(DA)
(DG)(DT)(DA)(DA)(DT)(DC)(DC)(DC)(DC)(DT)(DT)(DG)(DG)(DC)(DG)(DG)(DT)(DT)(DA)(DA)
(DA)(DA)(DC)(DG)(DC)(DG)(DG)(DG)(DG)(DG)(DA)(DC)(DA)(DG)(DC)(DG)(DC)(DG)(DT)(DA)
(DC)(DG)(DT)(DG)(DC)(DG)(DT)(DT)(DT)(DA)(DA)(DG)(DC)(DG)(DG)(DT)(DG)(DC)(DT)(DA)
(DG)(DA)(DG)(DC)(DT)(DG)(DT)(DC)(DT)(DA)(DC)(DG)(DA)(DC)(DC)(DA)(DA)(DT)(DT)(DG)
(DA)(DG)(DC)(DG)(DG)(DC)(DC)(DT)(DC)(DG)(DG)(DC)(DA)(DC)(DC)(DG)(DG)(DA)(DT)(DT)
(DC)(DT)(DC)(DA)(DG)(DA)(DT)
;
J
#
# COMPACT_ATOMS: atom_id res chain seq x y z
N LEU A 9 19.52 -9.95 -19.52
CA LEU A 9 20.86 -10.09 -20.06
C LEU A 9 20.85 -9.99 -21.59
N PHE A 10 19.72 -10.34 -22.20
CA PHE A 10 19.58 -10.29 -23.64
C PHE A 10 18.98 -8.97 -24.12
N ILE A 11 18.76 -8.02 -23.22
CA ILE A 11 18.26 -6.71 -23.63
C ILE A 11 19.28 -5.99 -24.50
N LYS A 12 20.57 -6.20 -24.22
CA LYS A 12 21.61 -5.65 -25.08
C LYS A 12 21.48 -6.19 -26.50
N ARG A 13 21.22 -7.50 -26.62
CA ARG A 13 20.96 -8.08 -27.94
C ARG A 13 19.71 -7.49 -28.56
N ILE A 14 18.69 -7.21 -27.73
CA ILE A 14 17.47 -6.58 -28.22
C ILE A 14 17.79 -5.24 -28.87
N SER A 15 18.62 -4.45 -28.19
CA SER A 15 19.02 -3.14 -28.70
C SER A 15 19.84 -3.27 -29.97
N THR A 22 27.20 0.04 -21.31
CA THR A 22 26.34 0.54 -20.25
C THR A 22 25.83 -0.60 -19.39
N LYS A 23 26.74 -1.23 -18.64
CA LYS A 23 26.37 -2.37 -17.80
C LYS A 23 25.29 -2.00 -16.81
N GLU A 24 25.42 -0.82 -16.20
CA GLU A 24 24.49 -0.42 -15.16
C GLU A 24 23.07 -0.32 -15.70
N SER A 25 22.90 0.27 -16.88
CA SER A 25 21.56 0.40 -17.45
C SER A 25 20.98 -0.95 -17.80
N LEU A 26 21.81 -1.88 -18.26
CA LEU A 26 21.35 -3.24 -18.49
C LEU A 26 20.87 -3.88 -17.19
N GLU A 27 21.60 -3.65 -16.09
CA GLU A 27 21.15 -4.18 -14.82
C GLU A 27 19.81 -3.58 -14.43
N THR A 28 19.64 -2.27 -14.62
CA THR A 28 18.36 -1.63 -14.29
C THR A 28 17.23 -2.21 -15.12
N VAL A 29 17.44 -2.37 -16.42
CA VAL A 29 16.35 -2.86 -17.26
C VAL A 29 16.01 -4.30 -16.91
N ASN A 30 17.03 -5.12 -16.63
CA ASN A 30 16.76 -6.49 -16.22
C ASN A 30 15.97 -6.53 -14.92
N ASN A 31 16.37 -5.69 -13.94
CA ASN A 31 15.68 -5.68 -12.66
C ASN A 31 14.24 -5.23 -12.81
N MET A 32 13.99 -4.17 -13.58
CA MET A 32 12.63 -3.69 -13.72
C MET A 32 11.77 -4.69 -14.49
N LEU A 33 12.35 -5.36 -15.50
CA LEU A 33 11.61 -6.38 -16.23
C LEU A 33 11.22 -7.53 -15.31
N VAL A 34 12.16 -8.02 -14.51
CA VAL A 34 11.84 -9.16 -13.65
C VAL A 34 10.85 -8.74 -12.57
N PHE A 35 10.95 -7.51 -12.08
CA PHE A 35 9.95 -7.02 -11.12
C PHE A 35 8.56 -7.01 -11.74
N LEU A 36 8.44 -6.50 -12.97
CA LEU A 36 7.14 -6.46 -13.61
C LEU A 36 6.60 -7.86 -13.81
N ALA A 37 7.45 -8.78 -14.22
CA ALA A 37 7.01 -10.17 -14.40
C ALA A 37 6.51 -10.75 -13.09
N GLU A 38 7.25 -10.51 -12.00
CA GLU A 38 6.85 -11.05 -10.71
C GLU A 38 5.51 -10.48 -10.26
N LYS A 39 5.33 -9.16 -10.40
CA LYS A 39 4.08 -8.55 -9.97
C LYS A 39 2.91 -9.06 -10.79
N LEU A 40 3.10 -9.17 -12.12
CA LEU A 40 2.01 -9.65 -12.96
C LEU A 40 1.66 -11.10 -12.62
N THR A 41 2.68 -11.92 -12.37
CA THR A 41 2.40 -13.30 -12.00
C THR A 41 1.63 -13.39 -10.69
N LYS A 42 2.02 -12.57 -9.71
CA LYS A 42 1.30 -12.56 -8.44
C LYS A 42 -0.14 -12.16 -8.65
N GLN A 43 -0.37 -11.11 -9.45
CA GLN A 43 -1.74 -10.66 -9.71
C GLN A 43 -2.55 -11.76 -10.38
N ALA A 44 -1.98 -12.43 -11.37
CA ALA A 44 -2.71 -13.49 -12.06
C ALA A 44 -3.02 -14.64 -11.12
N ASN A 45 -2.05 -15.00 -10.27
CA ASN A 45 -2.26 -16.10 -9.33
C ASN A 45 -3.38 -15.77 -8.35
N ILE A 46 -3.43 -14.53 -7.88
CA ILE A 46 -4.41 -14.19 -6.87
C ILE A 46 -5.78 -13.93 -7.46
N ILE A 47 -5.86 -13.56 -8.75
CA ILE A 47 -7.17 -13.21 -9.30
C ILE A 47 -7.95 -14.45 -9.70
N ILE A 48 -7.29 -15.50 -10.16
CA ILE A 48 -7.99 -16.66 -10.70
C ILE A 48 -8.58 -17.48 -9.54
N ASP A 49 -9.69 -18.16 -9.83
CA ASP A 49 -10.32 -19.04 -8.86
C ASP A 49 -10.26 -20.51 -9.24
N GLN A 50 -10.02 -20.83 -10.52
CA GLN A 50 -9.93 -22.21 -10.95
C GLN A 50 -8.52 -22.75 -10.67
N LYS A 51 -8.40 -24.08 -10.68
CA LYS A 51 -7.16 -24.71 -10.25
C LYS A 51 -5.97 -24.38 -11.16
N THR A 52 -6.19 -24.13 -12.45
CA THR A 52 -5.10 -23.83 -13.36
C THR A 52 -5.42 -22.59 -14.17
N LEU A 53 -4.37 -21.97 -14.69
CA LEU A 53 -4.45 -20.72 -15.44
C LEU A 53 -4.11 -20.96 -16.91
N ARG A 54 -4.70 -20.14 -17.76
CA ARG A 54 -4.44 -20.19 -19.19
C ARG A 54 -3.97 -18.84 -19.69
N HIS A 55 -3.53 -18.82 -20.95
CA HIS A 55 -3.05 -17.58 -21.55
C HIS A 55 -4.14 -16.52 -21.57
N ASP A 56 -5.41 -16.95 -21.61
CA ASP A 56 -6.51 -16.00 -21.61
C ASP A 56 -6.49 -15.11 -20.38
N ALA A 57 -6.03 -15.64 -19.24
CA ALA A 57 -5.96 -14.83 -18.03
C ALA A 57 -5.04 -13.63 -18.23
N PHE A 58 -3.81 -13.89 -18.71
CA PHE A 58 -2.91 -12.79 -19.00
C PHE A 58 -3.45 -11.91 -20.11
N LEU A 59 -4.18 -12.49 -21.06
CA LEU A 59 -4.78 -11.71 -22.13
C LEU A 59 -5.74 -10.68 -21.58
N TRP A 60 -6.60 -11.10 -20.65
CA TRP A 60 -7.50 -10.15 -20.00
C TRP A 60 -6.73 -9.17 -19.13
N LEU A 61 -5.66 -9.65 -18.49
CA LEU A 61 -4.80 -8.76 -17.72
C LEU A 61 -4.22 -7.66 -18.62
N LEU A 62 -4.07 -7.94 -19.90
CA LEU A 62 -3.70 -6.92 -20.86
C LEU A 62 -4.85 -5.96 -21.15
N THR A 63 -6.09 -6.47 -21.13
CA THR A 63 -7.25 -5.65 -21.46
C THR A 63 -7.73 -4.79 -20.31
N ASP A 64 -6.81 -4.06 -19.67
CA ASP A 64 -7.17 -3.06 -18.68
C ASP A 64 -6.28 -1.83 -18.77
N ILE A 65 -5.28 -1.83 -19.65
CA ILE A 65 -4.37 -0.70 -19.81
C ILE A 65 -5.03 0.31 -20.74
N GLN A 66 -5.37 1.47 -20.19
CA GLN A 66 -6.04 2.49 -20.99
C GLN A 66 -5.12 3.01 -22.08
N GLY A 67 -5.70 3.30 -23.22
CA GLY A 67 -4.92 3.82 -24.34
C GLY A 67 -4.73 2.77 -25.41
N GLU A 68 -4.38 3.25 -26.61
CA GLU A 68 -4.18 2.34 -27.74
C GLU A 68 -2.96 1.46 -27.52
N LEU A 69 -2.07 1.84 -26.61
CA LEU A 69 -0.88 1.04 -26.36
C LEU A 69 -1.22 -0.34 -25.82
N GLY A 70 -2.20 -0.40 -24.91
CA GLY A 70 -2.66 -1.70 -24.46
C GLY A 70 -3.30 -2.51 -25.57
N LYS A 71 -3.98 -1.84 -26.49
CA LYS A 71 -4.55 -2.53 -27.64
C LYS A 71 -3.46 -3.15 -28.51
N HIS A 72 -2.38 -2.40 -28.76
CA HIS A 72 -1.26 -2.98 -29.49
C HIS A 72 -0.63 -4.11 -28.70
N SER A 73 -0.56 -3.98 -27.38
CA SER A 73 0.01 -5.05 -26.56
C SER A 73 -0.76 -6.34 -26.74
N GLN A 74 -2.09 -6.28 -26.59
CA GLN A 74 -2.90 -7.48 -26.74
C GLN A 74 -2.90 -7.98 -28.18
N ASP A 75 -2.89 -7.08 -29.15
CA ASP A 75 -2.84 -7.51 -30.55
C ASP A 75 -1.55 -8.25 -30.85
N PHE A 76 -0.42 -7.75 -30.34
CA PHE A 76 0.85 -8.41 -30.53
C PHE A 76 0.90 -9.74 -29.79
N ALA A 77 0.30 -9.82 -28.60
CA ALA A 77 0.21 -11.11 -27.91
C ALA A 77 -0.55 -12.11 -28.76
N ASN A 78 -1.69 -11.68 -29.31
CA ASN A 78 -2.48 -12.56 -30.17
C ASN A 78 -1.70 -12.96 -31.42
N SER A 79 -0.93 -12.02 -31.98
CA SER A 79 -0.14 -12.31 -33.16
C SER A 79 0.95 -13.33 -32.86
N VAL A 80 1.59 -13.22 -31.69
CA VAL A 80 2.58 -14.20 -31.30
C VAL A 80 1.94 -15.56 -31.11
N LEU A 81 0.76 -15.61 -30.51
CA LEU A 81 0.08 -16.89 -30.34
C LEU A 81 -0.28 -17.51 -31.68
N TYR A 82 -0.90 -16.74 -32.58
CA TYR A 82 -1.24 -17.26 -33.90
C TYR A 82 0.00 -17.44 -34.76
N GLY A 83 0.91 -16.47 -34.73
CA GLY A 83 2.12 -16.55 -35.54
C GLY A 83 3.34 -16.91 -34.71
N GLU A 84 4.47 -16.24 -35.00
CA GLU A 84 5.71 -16.50 -34.27
C GLU A 84 6.45 -15.26 -33.80
N LYS A 85 6.33 -14.12 -34.47
CA LYS A 85 7.10 -12.92 -34.18
C LYS A 85 8.58 -13.25 -34.00
N GLU A 86 9.14 -12.97 -32.83
CA GLU A 86 10.56 -13.15 -32.58
C GLU A 86 10.88 -14.17 -31.50
N LEU A 87 10.31 -14.00 -30.30
CA LEU A 87 10.45 -14.95 -29.19
C LEU A 87 11.91 -15.40 -28.99
N VAL A 88 12.76 -14.44 -28.65
CA VAL A 88 14.17 -14.74 -28.39
C VAL A 88 14.43 -14.94 -26.89
N PHE A 89 13.38 -15.00 -26.09
CA PHE A 89 13.63 -15.07 -24.66
C PHE A 89 13.63 -16.52 -24.18
N PRO A 90 14.48 -16.85 -23.21
CA PRO A 90 14.54 -18.22 -22.72
C PRO A 90 13.27 -18.59 -21.95
N THR A 91 12.54 -19.57 -22.48
CA THR A 91 11.35 -20.04 -21.79
C THR A 91 11.69 -20.60 -20.43
N LYS A 92 12.85 -21.23 -20.28
CA LYS A 92 13.24 -21.81 -19.00
C LYS A 92 13.40 -20.73 -17.94
N ARG A 93 13.96 -19.57 -18.32
CA ARG A 93 14.12 -18.49 -17.36
C ARG A 93 12.77 -18.01 -16.86
N THR A 94 11.83 -17.79 -17.77
CA THR A 94 10.50 -17.38 -17.37
C THR A 94 9.86 -18.43 -16.48
N GLU A 95 10.03 -19.71 -16.84
CA GLU A 95 9.49 -20.80 -16.04
C GLU A 95 10.01 -20.72 -14.62
N ASN A 96 11.32 -20.53 -14.48
CA ASN A 96 11.91 -20.39 -13.16
C ASN A 96 11.32 -19.19 -12.42
N LEU A 97 11.15 -18.06 -13.12
CA LEU A 97 10.67 -16.86 -12.47
C LEU A 97 9.27 -17.04 -11.89
N MET A 98 8.34 -17.64 -12.64
CA MET A 98 7.04 -17.71 -11.97
C MET A 98 6.93 -18.91 -11.05
N ARG A 99 7.63 -20.01 -11.34
CA ARG A 99 7.60 -21.15 -10.44
C ARG A 99 8.19 -20.81 -9.09
N LYS A 100 9.14 -19.86 -9.05
CA LYS A 100 9.69 -19.44 -7.78
C LYS A 100 8.65 -18.75 -6.91
N ASN A 101 7.62 -18.17 -7.51
CA ASN A 101 6.58 -17.44 -6.79
C ASN A 101 5.21 -17.87 -7.29
N THR A 102 4.98 -19.19 -7.34
CA THR A 102 3.67 -19.73 -7.62
C THR A 102 3.69 -21.22 -7.33
N CYS A 103 2.70 -21.69 -6.56
CA CYS A 103 2.58 -23.15 -6.29
C CYS A 103 1.34 -23.64 -7.04
N LEU A 104 1.18 -23.24 -8.31
CA LEU A 104 0.01 -23.59 -9.09
C LEU A 104 0.38 -24.15 -10.46
N ARG A 105 -0.60 -24.29 -11.34
CA ARG A 105 -0.45 -24.99 -12.61
C ARG A 105 -0.43 -23.98 -13.76
N ILE A 106 0.40 -24.26 -14.77
CA ILE A 106 0.66 -23.33 -15.86
C ILE A 106 0.62 -24.07 -17.19
N SER A 107 0.87 -23.33 -18.27
CA SER A 107 0.92 -23.90 -19.62
C SER A 107 1.78 -23.01 -20.50
N GLN A 108 2.18 -23.55 -21.65
CA GLN A 108 3.15 -22.88 -22.52
C GLN A 108 2.58 -21.64 -23.19
N SER A 109 1.27 -21.61 -23.43
CA SER A 109 0.68 -20.41 -24.00
C SER A 109 0.92 -19.22 -23.09
N ALA A 110 0.79 -19.43 -21.78
CA ALA A 110 1.00 -18.34 -20.83
C ALA A 110 2.43 -17.82 -20.87
N VAL A 111 3.41 -18.73 -20.92
CA VAL A 111 4.80 -18.26 -20.93
C VAL A 111 5.08 -17.50 -22.21
N LYS A 112 4.56 -17.98 -23.34
CA LYS A 112 4.77 -17.25 -24.59
C LYS A 112 4.16 -15.86 -24.52
N THR A 113 2.95 -15.75 -23.98
CA THR A 113 2.31 -14.44 -23.86
C THR A 113 3.10 -13.50 -22.97
N LEU A 114 3.59 -14.00 -21.83
CA LEU A 114 4.30 -13.11 -20.92
C LEU A 114 5.63 -12.68 -21.52
N THR A 115 6.30 -13.59 -22.25
CA THR A 115 7.51 -13.18 -22.95
C THR A 115 7.21 -12.09 -23.97
N ALA A 116 6.12 -12.24 -24.72
CA ALA A 116 5.78 -11.22 -25.72
C ALA A 116 5.53 -9.87 -25.05
N ILE A 117 4.76 -9.86 -23.96
CA ILE A 117 4.42 -8.58 -23.36
C ILE A 117 5.65 -7.95 -22.72
N LEU A 118 6.52 -8.75 -22.11
CA LEU A 118 7.71 -8.16 -21.50
C LEU A 118 8.65 -7.61 -22.55
N GLU A 119 8.78 -8.30 -23.69
CA GLU A 119 9.64 -7.74 -24.74
C GLU A 119 9.03 -6.48 -25.34
N TYR A 120 7.69 -6.42 -25.42
CA TYR A 120 7.06 -5.20 -25.89
C TYR A 120 7.33 -4.03 -24.95
N PHE A 121 7.24 -4.28 -23.64
CA PHE A 121 7.58 -3.24 -22.68
C PHE A 121 9.04 -2.83 -22.77
N CYS A 122 9.93 -3.81 -22.98
CA CYS A 122 11.34 -3.49 -23.15
C CYS A 122 11.55 -2.60 -24.37
N GLY A 123 10.85 -2.89 -25.46
CA GLY A 123 10.94 -2.03 -26.63
C GLY A 123 10.46 -0.62 -26.35
N GLN A 124 9.31 -0.50 -25.66
CA GLN A 124 8.80 0.83 -25.34
C GLN A 124 9.78 1.61 -24.48
N ILE A 125 10.34 0.98 -23.45
CA ILE A 125 11.26 1.71 -22.59
C ILE A 125 12.54 2.06 -23.34
N MET A 126 13.00 1.18 -24.23
CA MET A 126 14.19 1.47 -25.02
C MET A 126 13.98 2.69 -25.90
N GLU A 127 12.84 2.72 -26.62
CA GLU A 127 12.60 3.86 -27.49
C GLU A 127 12.37 5.14 -26.68
N ALA A 128 11.72 5.04 -25.52
CA ALA A 128 11.56 6.22 -24.67
C ALA A 128 12.92 6.75 -24.22
N SER A 129 13.82 5.85 -23.82
CA SER A 129 15.15 6.25 -23.43
C SER A 129 15.90 6.91 -24.59
N PHE A 130 15.78 6.35 -25.78
CA PHE A 130 16.44 6.94 -26.94
C PHE A 130 15.92 8.34 -27.20
N SER A 131 14.59 8.51 -27.15
CA SER A 131 14.01 9.82 -27.38
C SER A 131 14.48 10.82 -26.32
N GLN A 132 14.49 10.40 -25.05
CA GLN A 132 14.91 11.30 -23.98
C GLN A 132 16.37 11.69 -24.15
N ALA A 133 17.22 10.74 -24.52
CA ALA A 133 18.63 11.04 -24.73
C ALA A 133 18.82 12.01 -25.90
N LYS A 134 18.07 11.81 -26.99
CA LYS A 134 18.19 12.71 -28.12
C LYS A 134 17.68 14.11 -27.77
N LYS A 135 16.67 14.21 -26.91
CA LYS A 135 16.24 15.51 -26.44
C LYS A 135 17.34 16.22 -25.66
N SER A 136 18.19 15.45 -24.99
CA SER A 136 19.29 16.00 -24.21
C SER A 136 20.61 16.03 -24.99
N LYS A 137 20.59 15.65 -26.27
CA LYS A 137 21.77 15.63 -27.13
C LYS A 137 22.86 14.73 -26.53
N ARG A 138 22.52 13.45 -26.42
CA ARG A 138 23.45 12.44 -25.94
C ARG A 138 23.26 11.16 -26.74
N LYS A 139 24.37 10.56 -27.16
CA LYS A 139 24.35 9.35 -27.97
C LYS A 139 24.63 8.10 -27.16
N ARG A 140 24.64 8.18 -25.83
CA ARG A 140 24.90 7.04 -24.97
C ARG A 140 23.73 6.83 -24.02
N ILE A 141 23.77 5.70 -23.32
CA ILE A 141 22.71 5.29 -22.40
C ILE A 141 23.21 5.55 -20.98
N ARG A 142 22.46 6.34 -20.22
CA ARG A 142 22.82 6.68 -18.86
C ARG A 142 21.58 6.64 -17.97
N PRO A 143 21.75 6.38 -16.68
CA PRO A 143 20.58 6.30 -15.79
C PRO A 143 19.75 7.57 -15.74
N ILE A 144 20.37 8.75 -15.82
CA ILE A 144 19.58 9.97 -15.73
C ILE A 144 18.60 10.07 -16.90
N ASP A 145 19.01 9.59 -18.07
CA ASP A 145 18.12 9.62 -19.22
C ASP A 145 16.90 8.73 -19.02
N ILE A 146 17.11 7.51 -18.50
CA ILE A 146 15.97 6.64 -18.28
C ILE A 146 15.09 7.19 -17.16
N GLU A 147 15.68 7.87 -16.17
CA GLU A 147 14.87 8.49 -15.13
C GLU A 147 13.97 9.56 -15.73
N ALA A 148 14.54 10.41 -16.58
CA ALA A 148 13.75 11.46 -17.21
C ALA A 148 12.66 10.85 -18.08
N ALA A 149 12.99 9.79 -18.82
CA ALA A 149 12.01 9.17 -19.69
C ALA A 149 10.85 8.57 -18.90
N ILE A 150 11.17 7.81 -17.85
CA ILE A 150 10.13 7.16 -17.08
C ILE A 150 9.28 8.17 -16.34
N SER A 151 9.88 9.31 -15.95
CA SER A 151 9.08 10.35 -15.32
C SER A 151 8.21 11.06 -16.34
N GLN A 152 8.70 11.22 -17.57
CA GLN A 152 8.01 12.04 -18.55
C GLN A 152 6.68 11.43 -18.97
N ASP A 153 6.69 10.15 -19.36
CA ASP A 153 5.47 9.52 -19.85
C ASP A 153 4.47 9.36 -18.70
N LYS A 154 3.21 9.70 -18.98
CA LYS A 154 2.19 9.64 -17.94
C LYS A 154 1.85 8.21 -17.55
N GLU A 155 1.60 7.35 -18.54
CA GLU A 155 1.13 6.00 -18.22
C GLU A 155 2.25 5.15 -17.64
N LEU A 156 3.49 5.33 -18.11
CA LEU A 156 4.62 4.62 -17.51
C LEU A 156 4.86 5.09 -16.09
N HIS A 157 4.73 6.40 -15.84
CA HIS A 157 4.86 6.91 -14.48
C HIS A 157 3.80 6.32 -13.57
N SER A 158 2.56 6.22 -14.07
CA SER A 158 1.50 5.60 -13.30
C SER A 158 1.81 4.13 -13.02
N MET A 159 2.38 3.44 -14.01
CA MET A 159 2.66 2.02 -13.84
C MET A 159 3.87 1.79 -12.94
N PHE A 160 4.88 2.64 -13.03
CA PHE A 160 6.15 2.42 -12.35
C PHE A 160 6.43 3.42 -11.24
N GLY A 161 5.42 4.19 -10.82
CA GLY A 161 5.66 5.18 -9.77
C GLY A 161 6.01 4.56 -8.44
N LYS A 162 5.53 3.34 -8.18
CA LYS A 162 5.78 2.70 -6.89
C LYS A 162 7.26 2.48 -6.66
N GLY A 163 7.99 2.07 -7.70
CA GLY A 163 9.40 1.80 -7.59
C GLY A 163 10.23 3.07 -7.53
N VAL A 164 11.54 2.88 -7.36
CA VAL A 164 12.47 3.98 -7.25
C VAL A 164 13.82 3.55 -7.78
N ILE A 165 14.49 4.46 -8.49
CA ILE A 165 15.82 4.23 -9.01
C ILE A 165 16.37 5.52 -9.62
N GLY B 5 -12.46 -21.35 10.11
CA GLY B 5 -12.02 -20.12 10.76
C GLY B 5 -13.12 -19.45 11.57
N LYS B 6 -14.15 -20.22 11.89
CA LYS B 6 -15.28 -19.71 12.67
C LYS B 6 -14.92 -19.85 14.14
N TYR B 7 -14.38 -18.78 14.72
CA TYR B 7 -13.90 -18.79 16.09
C TYR B 7 -14.85 -18.13 17.07
N GLY B 8 -16.11 -17.93 16.67
CA GLY B 8 -17.03 -17.15 17.48
C GLY B 8 -17.23 -17.72 18.87
N LEU B 9 -17.32 -19.05 18.97
CA LEU B 9 -17.52 -19.68 20.28
C LEU B 9 -16.35 -19.34 21.21
N PHE B 10 -15.12 -19.44 20.70
CA PHE B 10 -13.96 -19.13 21.51
C PHE B 10 -13.91 -17.65 21.86
N ILE B 11 -14.45 -16.78 21.01
CA ILE B 11 -14.49 -15.36 21.33
C ILE B 11 -15.33 -15.13 22.58
N LYS B 12 -16.53 -15.69 22.59
CA LYS B 12 -17.39 -15.55 23.77
C LYS B 12 -16.76 -16.22 24.98
N ARG B 13 -16.12 -17.36 24.77
CA ARG B 13 -15.47 -18.06 25.89
C ARG B 13 -14.37 -17.20 26.51
N ILE B 14 -13.57 -16.54 25.69
CA ILE B 14 -12.50 -15.68 26.18
C ILE B 14 -12.97 -14.28 26.51
N SER B 15 -14.25 -14.00 26.33
CA SER B 15 -14.80 -12.69 26.68
C SER B 15 -15.65 -12.79 27.94
N PRO B 16 -15.10 -12.48 29.11
CA PRO B 16 -15.90 -12.48 30.35
C PRO B 16 -16.66 -11.18 30.60
N LYS B 17 -16.70 -10.26 29.64
CA LYS B 17 -17.31 -8.95 29.82
C LYS B 17 -18.71 -8.89 29.25
N ASP B 18 -19.48 -9.99 29.41
CA ASP B 18 -20.86 -10.17 28.97
C ASP B 18 -21.30 -9.20 27.87
N ALA B 19 -22.32 -8.40 28.14
CA ALA B 19 -22.77 -7.36 27.20
C ALA B 19 -23.04 -7.94 25.81
N ASP B 20 -24.10 -8.76 25.77
CA ASP B 20 -24.42 -9.61 24.63
C ASP B 20 -24.13 -8.93 23.31
N ILE B 21 -23.29 -9.57 22.50
CA ILE B 21 -22.66 -8.94 21.35
C ILE B 21 -23.54 -9.17 20.12
N THR B 22 -23.61 -8.17 19.25
CA THR B 22 -24.33 -8.31 18.01
C THR B 22 -23.73 -9.43 17.17
N LYS B 23 -24.59 -10.19 16.49
CA LYS B 23 -24.12 -11.30 15.68
C LYS B 23 -23.17 -10.83 14.60
N GLU B 24 -23.41 -9.63 14.06
CA GLU B 24 -22.52 -9.09 13.05
C GLU B 24 -21.11 -8.89 13.60
N SER B 25 -20.99 -8.51 14.87
CA SER B 25 -19.69 -8.17 15.42
C SER B 25 -18.79 -9.39 15.49
N LEU B 26 -19.36 -10.56 15.74
CA LEU B 26 -18.57 -11.79 15.73
C LEU B 26 -17.94 -12.01 14.36
N GLU B 27 -18.74 -11.83 13.31
CA GLU B 27 -18.20 -11.98 11.97
C GLU B 27 -17.14 -10.92 11.67
N THR B 28 -17.38 -9.69 12.13
CA THR B 28 -16.41 -8.64 11.90
C THR B 28 -15.07 -8.97 12.55
N VAL B 29 -15.09 -9.41 13.80
CA VAL B 29 -13.85 -9.72 14.48
C VAL B 29 -13.22 -10.98 13.90
N ASN B 30 -14.04 -11.92 13.40
CA ASN B 30 -13.48 -13.10 12.76
C ASN B 30 -12.70 -12.70 11.51
N ASN B 31 -13.28 -11.83 10.69
CA ASN B 31 -12.54 -11.30 9.54
C ASN B 31 -11.31 -10.55 10.00
N MET B 32 -11.43 -9.79 11.09
CA MET B 32 -10.30 -9.02 11.60
C MET B 32 -9.13 -9.94 11.91
N LEU B 33 -9.39 -10.99 12.69
CA LEU B 33 -8.34 -11.92 13.08
C LEU B 33 -7.78 -12.69 11.90
N VAL B 34 -8.65 -13.12 10.98
CA VAL B 34 -8.13 -13.92 9.87
C VAL B 34 -7.27 -13.04 8.96
N PHE B 35 -7.64 -11.78 8.79
CA PHE B 35 -6.79 -10.87 8.02
C PHE B 35 -5.46 -10.65 8.72
N LEU B 36 -5.49 -10.47 10.04
CA LEU B 36 -4.24 -10.34 10.79
C LEU B 36 -3.35 -11.55 10.57
N ALA B 37 -3.93 -12.74 10.68
CA ALA B 37 -3.15 -13.96 10.51
C ALA B 37 -2.55 -14.04 9.12
N GLU B 38 -3.36 -13.73 8.09
CA GLU B 38 -2.87 -13.80 6.73
C GLU B 38 -1.72 -12.83 6.49
N LYS B 39 -1.88 -11.57 6.91
CA LYS B 39 -0.82 -10.61 6.69
C LYS B 39 0.45 -11.00 7.45
N LEU B 40 0.30 -11.44 8.69
CA LEU B 40 1.48 -11.76 9.49
C LEU B 40 2.17 -13.03 8.97
N THR B 41 1.42 -13.99 8.45
CA THR B 41 2.08 -15.17 7.91
C THR B 41 2.73 -14.90 6.56
N LYS B 42 2.14 -14.05 5.72
CA LYS B 42 2.82 -13.64 4.49
C LYS B 42 4.09 -12.89 4.84
N GLN B 43 4.03 -12.06 5.89
CA GLN B 43 5.20 -11.47 6.50
C GLN B 43 6.26 -12.50 6.85
N ALA B 44 5.88 -13.54 7.60
CA ALA B 44 6.84 -14.54 8.02
C ALA B 44 7.47 -15.23 6.82
N ASN B 45 6.66 -15.50 5.80
CA ASN B 45 7.17 -16.13 4.59
C ASN B 45 8.18 -15.24 3.89
N ILE B 46 7.90 -13.93 3.82
CA ILE B 46 8.81 -13.06 3.08
C ILE B 46 10.08 -12.75 3.87
N ILE B 47 10.05 -12.89 5.19
CA ILE B 47 11.24 -12.54 5.96
C ILE B 47 12.21 -13.72 6.10
N ILE B 48 11.71 -14.95 6.07
CA ILE B 48 12.57 -16.10 6.37
C ILE B 48 13.50 -16.38 5.20
N ASP B 49 14.67 -16.93 5.52
CA ASP B 49 15.64 -17.35 4.52
C ASP B 49 15.88 -18.85 4.54
N GLN B 50 15.18 -19.60 5.41
CA GLN B 50 15.39 -21.03 5.56
C GLN B 50 14.07 -21.76 5.37
N LYS B 51 14.17 -23.02 4.92
CA LYS B 51 12.99 -23.77 4.50
C LYS B 51 12.02 -24.06 5.64
N THR B 52 12.50 -24.22 6.86
CA THR B 52 11.66 -24.59 7.99
C THR B 52 11.43 -23.37 8.88
N LEU B 53 10.17 -23.10 9.19
CA LEU B 53 9.85 -21.97 10.06
C LEU B 53 10.21 -22.28 11.50
N ARG B 54 10.46 -21.23 12.28
CA ARG B 54 10.82 -21.36 13.68
C ARG B 54 10.00 -20.39 14.52
N HIS B 55 9.72 -20.79 15.76
CA HIS B 55 8.95 -19.95 16.66
C HIS B 55 9.67 -18.65 16.97
N ASP B 56 10.99 -18.70 17.13
CA ASP B 56 11.76 -17.50 17.44
C ASP B 56 11.63 -16.47 16.33
N ALA B 57 11.45 -16.93 15.09
CA ALA B 57 11.21 -16.00 13.99
C ALA B 57 9.93 -15.20 14.22
N PHE B 58 8.85 -15.89 14.61
CA PHE B 58 7.61 -15.18 14.89
C PHE B 58 7.79 -14.24 16.06
N LEU B 59 8.47 -14.71 17.10
CA LEU B 59 8.77 -13.87 18.26
C LEU B 59 9.41 -12.55 17.83
N TRP B 60 10.47 -12.64 17.01
CA TRP B 60 11.13 -11.43 16.57
C TRP B 60 10.23 -10.58 15.68
N LEU B 61 9.44 -11.23 14.82
CA LEU B 61 8.54 -10.49 13.95
C LEU B 61 7.56 -9.67 14.77
N LEU B 62 7.16 -10.18 15.93
CA LEU B 62 6.33 -9.36 16.80
C LEU B 62 7.17 -8.42 17.67
N THR B 63 8.46 -8.71 17.83
CA THR B 63 9.29 -7.89 18.71
C THR B 63 9.45 -6.47 18.18
N ASP B 64 9.61 -6.30 16.87
CA ASP B 64 9.80 -4.97 16.32
C ASP B 64 8.58 -4.08 16.47
N ILE B 65 7.43 -4.67 16.81
CA ILE B 65 6.21 -3.89 16.96
C ILE B 65 6.40 -2.86 18.06
N GLN B 66 6.10 -1.60 17.74
CA GLN B 66 6.39 -0.51 18.66
C GLN B 66 5.62 -0.67 19.96
N GLY B 67 6.31 -0.44 21.07
CA GLY B 67 5.68 -0.41 22.36
C GLY B 67 5.96 -1.64 23.21
N GLU B 68 5.74 -1.49 24.51
CA GLU B 68 5.86 -2.56 25.49
C GLU B 68 4.82 -3.65 25.28
N LEU B 69 3.79 -3.39 24.47
CA LEU B 69 2.78 -4.41 24.18
C LEU B 69 3.39 -5.62 23.52
N GLY B 70 4.42 -5.42 22.70
CA GLY B 70 5.09 -6.55 22.08
C GLY B 70 5.79 -7.43 23.10
N LYS B 71 6.46 -6.81 24.07
CA LYS B 71 7.09 -7.58 25.13
C LYS B 71 6.06 -8.28 26.01
N HIS B 72 4.92 -7.63 26.27
CA HIS B 72 3.83 -8.30 26.95
C HIS B 72 3.38 -9.53 26.15
N SER B 73 3.25 -9.37 24.84
CA SER B 73 2.80 -10.46 23.98
C SER B 73 3.77 -11.62 24.04
N GLN B 74 5.07 -11.35 23.93
CA GLN B 74 6.04 -12.44 23.96
C GLN B 74 6.12 -13.07 25.34
N ASP B 75 5.90 -12.28 26.40
CA ASP B 75 5.80 -12.86 27.74
C ASP B 75 4.63 -13.83 27.82
N PHE B 76 3.49 -13.44 27.26
CA PHE B 76 2.35 -14.35 27.22
C PHE B 76 2.67 -15.59 26.38
N ALA B 77 3.44 -15.41 25.31
CA ALA B 77 3.82 -16.54 24.47
C ALA B 77 4.70 -17.53 25.23
N ASN B 78 5.67 -17.01 26.00
CA ASN B 78 6.48 -17.88 26.84
C ASN B 78 5.62 -18.58 27.89
N SER B 79 4.67 -17.83 28.47
CA SER B 79 3.80 -18.41 29.49
C SER B 79 2.98 -19.57 28.94
N VAL B 80 2.41 -19.38 27.74
CA VAL B 80 1.59 -20.44 27.16
C VAL B 80 2.47 -21.60 26.67
N LEU B 81 3.66 -21.30 26.15
CA LEU B 81 4.53 -22.35 25.66
C LEU B 81 4.99 -23.26 26.79
N TYR B 82 5.49 -22.67 27.88
CA TYR B 82 5.98 -23.46 28.99
C TYR B 82 5.57 -22.97 30.37
N GLY B 83 5.27 -21.68 30.57
CA GLY B 83 5.14 -21.18 31.92
C GLY B 83 3.91 -21.60 32.70
N GLU B 84 2.76 -21.03 32.39
CA GLU B 84 1.55 -21.33 33.17
C GLU B 84 0.26 -21.42 32.39
N LYS B 85 0.20 -20.95 31.15
CA LYS B 85 -1.07 -20.68 30.48
C LYS B 85 -1.34 -21.70 29.37
N GLU B 86 -2.62 -21.83 29.04
CA GLU B 86 -3.09 -22.71 27.98
C GLU B 86 -3.79 -21.89 26.91
N LEU B 87 -4.35 -22.59 25.92
CA LEU B 87 -4.98 -21.95 24.77
C LEU B 87 -6.39 -22.51 24.62
N VAL B 88 -7.20 -21.79 23.84
CA VAL B 88 -8.58 -22.21 23.60
C VAL B 88 -8.90 -22.39 22.12
N PHE B 89 -8.21 -21.71 21.20
CA PHE B 89 -8.49 -21.94 19.80
C PHE B 89 -7.89 -23.26 19.33
N PRO B 90 -8.53 -23.92 18.37
CA PRO B 90 -8.01 -25.20 17.87
C PRO B 90 -6.70 -25.02 17.14
N THR B 91 -5.84 -26.02 17.26
CA THR B 91 -4.57 -25.99 16.54
C THR B 91 -4.75 -26.37 15.07
N LYS B 92 -5.69 -27.28 14.79
CA LYS B 92 -5.78 -27.86 13.45
C LYS B 92 -6.25 -26.83 12.42
N ARG B 93 -7.30 -26.07 12.75
CA ARG B 93 -7.79 -25.05 11.81
C ARG B 93 -6.72 -24.01 11.53
N THR B 94 -6.02 -23.60 12.58
CA THR B 94 -4.92 -22.66 12.40
C THR B 94 -3.85 -23.24 11.49
N GLU B 95 -3.54 -24.54 11.67
CA GLU B 95 -2.56 -25.17 10.79
C GLU B 95 -3.04 -25.20 9.35
N ASN B 96 -4.33 -25.44 9.14
CA ASN B 96 -4.86 -25.44 7.78
C ASN B 96 -4.71 -24.08 7.13
N LEU B 97 -5.13 -23.02 7.83
CA LEU B 97 -4.97 -21.69 7.26
C LEU B 97 -3.49 -21.33 7.11
N MET B 98 -2.63 -21.91 7.95
CA MET B 98 -1.20 -21.77 7.76
C MET B 98 -0.76 -22.33 6.42
N ARG B 99 -1.13 -23.57 6.17
CA ARG B 99 -0.74 -24.23 4.92
C ARG B 99 -1.34 -23.54 3.71
N LYS B 100 -2.49 -22.88 3.88
CA LYS B 100 -3.13 -22.20 2.77
C LYS B 100 -2.35 -20.99 2.27
N ASN B 101 -1.33 -20.54 3.01
CA ASN B 101 -0.61 -19.33 2.65
C ASN B 101 0.90 -19.53 2.63
N THR B 102 1.37 -20.74 2.38
CA THR B 102 2.80 -20.99 2.26
C THR B 102 3.03 -22.30 1.53
N CYS B 103 4.30 -22.53 1.15
CA CYS B 103 4.71 -23.83 0.53
C CYS B 103 6.01 -24.20 1.22
N LEU B 104 6.04 -24.16 2.56
CA LEU B 104 7.24 -24.38 3.36
C LEU B 104 6.91 -25.36 4.49
N ARG B 105 7.81 -25.46 5.46
CA ARG B 105 7.67 -26.38 6.57
C ARG B 105 7.50 -25.63 7.89
N ILE B 106 6.54 -26.06 8.70
CA ILE B 106 6.16 -25.36 9.93
C ILE B 106 6.09 -26.36 11.07
N SER B 107 6.63 -25.97 12.22
CA SER B 107 6.59 -26.78 13.44
C SER B 107 5.42 -26.35 14.32
N GLN B 108 5.22 -27.12 15.39
CA GLN B 108 4.09 -26.86 16.28
C GLN B 108 4.32 -25.64 17.15
N SER B 109 5.58 -25.33 17.45
CA SER B 109 5.87 -24.19 18.32
C SER B 109 5.38 -22.88 17.70
N ALA B 110 5.56 -22.73 16.39
CA ALA B 110 5.02 -21.56 15.71
C ALA B 110 3.51 -21.51 15.85
N VAL B 111 2.85 -22.67 15.76
CA VAL B 111 1.41 -22.72 15.93
C VAL B 111 1.02 -22.22 17.30
N LYS B 112 1.74 -22.69 18.33
CA LYS B 112 1.44 -22.25 19.68
C LYS B 112 1.60 -20.74 19.82
N THR B 113 2.69 -20.20 19.26
CA THR B 113 2.93 -18.76 19.35
C THR B 113 1.83 -17.97 18.66
N LEU B 114 1.42 -18.44 17.48
CA LEU B 114 0.35 -17.76 16.75
C LEU B 114 -0.95 -17.78 17.53
N THR B 115 -1.29 -18.92 18.12
CA THR B 115 -2.50 -18.98 18.93
C THR B 115 -2.41 -18.03 20.11
N ALA B 116 -1.22 -17.93 20.72
CA ALA B 116 -1.06 -17.00 21.84
C ALA B 116 -1.29 -15.57 21.40
N ILE B 117 -0.72 -15.17 20.27
CA ILE B 117 -0.87 -13.78 19.86
C ILE B 117 -2.31 -13.50 19.46
N LEU B 118 -3.00 -14.49 18.89
CA LEU B 118 -4.42 -14.32 18.63
C LEU B 118 -5.20 -14.13 19.93
N GLU B 119 -4.89 -14.92 20.94
CA GLU B 119 -5.47 -14.70 22.27
C GLU B 119 -5.28 -13.25 22.68
N TYR B 120 -4.05 -12.76 22.55
CA TYR B 120 -3.71 -11.45 23.08
C TYR B 120 -4.47 -10.34 22.35
N PHE B 121 -4.42 -10.33 21.03
CA PHE B 121 -5.14 -9.30 20.29
C PHE B 121 -6.64 -9.40 20.48
N CYS B 122 -7.20 -10.61 20.57
CA CYS B 122 -8.62 -10.72 20.85
C CYS B 122 -8.94 -10.10 22.20
N GLY B 123 -8.09 -10.34 23.20
CA GLY B 123 -8.32 -9.74 24.51
C GLY B 123 -8.32 -8.23 24.46
N GLN B 124 -7.30 -7.65 23.81
CA GLN B 124 -7.26 -6.19 23.72
C GLN B 124 -8.43 -5.62 22.95
N ILE B 125 -8.83 -6.25 21.84
CA ILE B 125 -9.93 -5.68 21.08
C ILE B 125 -11.23 -5.75 21.88
N MET B 126 -11.49 -6.87 22.56
CA MET B 126 -12.72 -6.97 23.32
C MET B 126 -12.74 -6.00 24.49
N GLU B 127 -11.60 -5.86 25.20
CA GLU B 127 -11.59 -4.94 26.33
C GLU B 127 -11.73 -3.50 25.86
N ALA B 128 -11.11 -3.14 24.72
CA ALA B 128 -11.26 -1.79 24.20
C ALA B 128 -12.71 -1.51 23.81
N SER B 129 -13.36 -2.49 23.18
CA SER B 129 -14.77 -2.33 22.84
C SER B 129 -15.62 -2.13 24.08
N PHE B 130 -15.37 -2.94 25.12
CA PHE B 130 -16.15 -2.80 26.35
C PHE B 130 -15.90 -1.46 27.02
N SER B 131 -14.65 -0.99 27.00
CA SER B 131 -14.33 0.30 27.60
C SER B 131 -15.04 1.43 26.85
N GLN B 132 -15.02 1.38 25.52
CA GLN B 132 -15.73 2.40 24.75
C GLN B 132 -17.23 2.35 25.02
N ALA B 133 -17.78 1.14 25.13
CA ALA B 133 -19.20 1.01 25.44
C ALA B 133 -19.51 1.60 26.81
N LYS B 134 -18.66 1.35 27.80
CA LYS B 134 -18.87 1.92 29.12
C LYS B 134 -18.79 3.44 29.07
N LYS B 135 -17.86 3.98 28.27
CA LYS B 135 -17.84 5.42 28.04
C LYS B 135 -19.15 5.90 27.46
N SER B 136 -19.80 5.07 26.65
CA SER B 136 -21.10 5.38 26.08
C SER B 136 -22.23 4.65 26.79
N LYS B 137 -21.97 4.11 27.99
CA LYS B 137 -22.93 3.38 28.81
C LYS B 137 -23.77 2.41 27.99
N ARG B 138 -25.03 2.20 28.39
CA ARG B 138 -25.87 1.14 27.84
C ARG B 138 -25.19 -0.22 27.90
N LYS B 139 -25.35 -1.02 26.85
CA LYS B 139 -24.92 -2.41 26.84
C LYS B 139 -24.96 -2.89 25.39
N ARG B 140 -24.82 -4.21 25.19
CA ARG B 140 -25.05 -4.85 23.89
C ARG B 140 -24.11 -4.26 22.83
N ILE B 141 -22.82 -4.59 22.98
CA ILE B 141 -21.75 -4.06 22.14
C ILE B 141 -22.16 -4.01 20.68
N ARG B 142 -22.04 -2.84 20.08
CA ARG B 142 -22.51 -2.51 18.75
C ARG B 142 -21.34 -2.29 17.80
N PRO B 143 -21.59 -2.24 16.49
CA PRO B 143 -20.47 -1.96 15.57
C PRO B 143 -19.76 -0.67 15.88
N ILE B 144 -20.50 0.35 16.31
CA ILE B 144 -19.91 1.66 16.58
C ILE B 144 -18.84 1.56 17.65
N ASP B 145 -18.93 0.55 18.51
CA ASP B 145 -17.95 0.38 19.57
C ASP B 145 -16.59 -0.06 19.07
N ILE B 146 -16.48 -0.43 17.80
CA ILE B 146 -15.18 -0.81 17.24
C ILE B 146 -14.52 0.44 16.69
N GLU B 147 -15.15 1.05 15.69
CA GLU B 147 -14.64 2.30 15.16
C GLU B 147 -14.67 3.37 16.24
N ALA B 148 -13.75 4.32 16.12
CA ALA B 148 -13.47 5.34 17.13
C ALA B 148 -12.96 4.72 18.43
N ALA B 149 -12.84 3.40 18.49
CA ALA B 149 -12.11 2.72 19.54
C ALA B 149 -10.76 2.22 19.05
N ILE B 150 -10.76 1.49 17.92
CA ILE B 150 -9.51 1.24 17.22
C ILE B 150 -8.88 2.56 16.81
N SER B 151 -9.70 3.52 16.41
CA SER B 151 -9.22 4.87 16.17
C SER B 151 -8.86 5.60 17.46
N GLN B 152 -9.45 5.20 18.60
CA GLN B 152 -9.12 5.86 19.86
C GLN B 152 -7.68 5.60 20.25
N ASP B 153 -7.27 4.34 20.24
CA ASP B 153 -5.88 4.01 20.57
C ASP B 153 -4.96 4.45 19.45
N LYS B 154 -3.84 5.06 19.83
CA LYS B 154 -2.88 5.54 18.84
C LYS B 154 -2.15 4.39 18.16
N GLU B 155 -1.67 3.41 18.94
CA GLU B 155 -0.84 2.37 18.37
C GLU B 155 -1.64 1.40 17.51
N LEU B 156 -2.85 1.03 17.94
CA LEU B 156 -3.67 0.11 17.14
C LEU B 156 -3.94 0.67 15.76
N HIS B 157 -4.44 1.91 15.69
CA HIS B 157 -4.68 2.55 14.40
C HIS B 157 -3.39 2.75 13.63
N SER B 158 -2.33 3.16 14.33
CA SER B 158 -1.05 3.40 13.68
C SER B 158 -0.50 2.13 13.05
N MET B 159 -0.91 0.96 13.54
CA MET B 159 -0.50 -0.28 12.91
C MET B 159 -1.60 -1.00 12.16
N PHE B 160 -2.87 -0.71 12.45
CA PHE B 160 -3.97 -1.36 11.72
C PHE B 160 -4.73 -0.38 10.84
N GLY B 161 -5.31 0.67 11.42
CA GLY B 161 -5.94 1.76 10.69
C GLY B 161 -6.61 1.35 9.40
N LYS B 162 -6.19 2.01 8.32
CA LYS B 162 -6.39 1.60 6.93
C LYS B 162 -7.69 0.86 6.67
N GLY B 163 -7.79 -0.38 7.15
CA GLY B 163 -8.90 -1.26 6.87
C GLY B 163 -10.27 -0.63 6.96
N VAL B 164 -11.06 -0.80 5.91
CA VAL B 164 -12.41 -0.24 5.88
C VAL B 164 -13.31 -1.01 6.83
N ILE B 165 -14.11 -0.28 7.60
CA ILE B 165 -15.07 -0.87 8.51
C ILE B 165 -16.46 -0.37 8.11
N SER B 166 -17.49 -0.96 8.71
CA SER B 166 -18.86 -0.61 8.39
C SER B 166 -19.12 0.88 8.60
N GLY B 167 -19.35 1.61 7.51
CA GLY B 167 -19.60 3.03 7.63
C GLY B 167 -18.38 3.75 8.18
N ARG B 168 -18.63 5.00 8.59
CA ARG B 168 -17.61 5.84 9.20
C ARG B 168 -18.22 7.12 9.78
N HIS C 15 4.48 15.15 17.65
CA HIS C 15 4.98 15.95 16.54
C HIS C 15 6.23 15.32 15.95
N LEU C 16 7.05 16.15 15.30
CA LEU C 16 8.29 15.68 14.70
C LEU C 16 9.54 16.23 15.37
N ALA C 17 9.49 17.46 15.90
CA ALA C 17 10.66 18.04 16.51
C ALA C 17 11.13 17.24 17.71
N ASP C 18 10.19 16.69 18.48
CA ASP C 18 10.53 15.91 19.66
C ASP C 18 11.34 14.67 19.32
N HIS C 19 11.33 14.22 18.06
CA HIS C 19 12.04 13.01 17.70
C HIS C 19 13.55 13.16 17.90
N VAL C 20 14.10 14.32 17.54
CA VAL C 20 15.52 14.55 17.76
C VAL C 20 15.78 14.77 19.24
N SER C 21 17.01 14.49 19.67
CA SER C 21 17.39 14.66 21.06
C SER C 21 18.84 15.10 21.12
N VAL C 22 19.20 15.71 22.25
CA VAL C 22 20.55 16.22 22.45
C VAL C 22 21.47 15.08 22.86
N GLY C 23 22.57 14.92 22.14
CA GLY C 23 23.54 13.90 22.47
C GLY C 23 23.93 13.01 21.31
N GLU C 24 23.33 13.27 20.13
CA GLU C 24 23.58 12.47 18.94
C GLU C 24 24.01 13.38 17.81
N THR C 25 24.62 12.77 16.79
CA THR C 25 25.06 13.51 15.63
C THR C 25 23.87 14.01 14.82
N GLN C 26 24.12 15.00 13.97
CA GLN C 26 23.07 15.63 13.19
C GLN C 26 23.58 15.90 11.78
N ILE C 27 22.63 16.02 10.85
CA ILE C 27 22.97 16.32 9.46
C ILE C 27 23.43 17.76 9.35
N PRO C 28 24.44 18.07 8.54
CA PRO C 28 24.84 19.48 8.36
C PRO C 28 23.71 20.32 7.80
N LYS C 29 23.64 21.56 8.26
CA LYS C 29 22.57 22.47 7.84
C LYS C 29 22.66 22.77 6.36
N ALA C 30 23.87 22.98 5.85
CA ALA C 30 24.02 23.27 4.43
C ALA C 30 23.49 22.13 3.57
N SER C 31 23.67 20.89 4.04
CA SER C 31 23.09 19.75 3.33
C SER C 31 21.58 19.89 3.25
N THR C 32 20.96 20.30 4.35
CA THR C 32 19.50 20.52 4.33
C THR C 32 19.19 21.57 3.26
N GLN C 33 19.91 22.68 3.26
CA GLN C 33 19.61 23.75 2.31
C GLN C 33 19.72 23.24 0.88
N HIS C 34 20.76 22.45 0.59
CA HIS C 34 20.89 21.89 -0.75
C HIS C 34 19.73 20.96 -1.07
N LEU C 35 19.26 20.19 -0.09
CA LEU C 35 18.12 19.32 -0.34
C LEU C 35 16.87 20.12 -0.68
N LEU C 36 16.60 21.18 0.08
CA LEU C 36 15.45 22.02 -0.23
C LEU C 36 15.59 22.66 -1.61
N ARG C 37 16.79 23.12 -1.96
CA ARG C 37 16.98 23.68 -3.29
C ARG C 37 16.74 22.62 -4.36
N LYS C 38 17.23 21.40 -4.14
CA LYS C 38 17.00 20.32 -5.08
C LYS C 38 15.51 20.01 -5.22
N ALA C 39 14.74 20.30 -4.18
CA ALA C 39 13.29 20.17 -4.29
C ALA C 39 12.67 21.23 -5.19
N GLY C 40 13.44 22.22 -5.61
CA GLY C 40 12.90 23.28 -6.45
C GLY C 40 12.38 24.48 -5.71
N SER C 41 12.40 24.45 -4.37
CA SER C 41 11.96 25.60 -3.60
C SER C 41 12.94 26.75 -3.74
N LEU C 42 12.42 27.94 -4.02
CA LEU C 42 13.29 29.10 -4.17
C LEU C 42 13.78 29.61 -2.83
N SER C 43 12.99 29.46 -1.77
CA SER C 43 13.39 29.96 -0.47
C SER C 43 12.72 29.14 0.61
N ALA C 44 13.25 29.23 1.83
CA ALA C 44 12.76 28.45 2.95
C ALA C 44 12.92 29.27 4.23
N ALA C 45 12.15 28.88 5.25
CA ALA C 45 12.25 29.52 6.54
C ALA C 45 13.51 29.08 7.27
N GLY C 46 13.85 29.80 8.33
CA GLY C 46 15.09 29.54 9.04
C GLY C 46 15.08 28.32 9.94
N ASP C 47 13.92 27.70 10.16
CA ASP C 47 13.81 26.57 11.07
C ASP C 47 13.53 25.26 10.36
N THR C 48 13.63 25.23 9.03
CA THR C 48 13.24 24.04 8.29
C THR C 48 14.16 22.86 8.56
N GLU C 49 15.34 23.10 9.11
CA GLU C 49 16.30 22.02 9.32
C GLU C 49 15.79 21.01 10.34
N VAL C 50 15.14 21.49 11.40
CA VAL C 50 14.75 20.61 12.49
C VAL C 50 13.75 19.55 12.03
N PRO C 51 12.64 19.88 11.37
CA PRO C 51 11.70 18.83 10.98
C PRO C 51 12.31 17.79 10.05
N ILE C 52 13.12 18.20 9.08
CA ILE C 52 13.67 17.22 8.17
C ILE C 52 14.74 16.39 8.86
N ARG C 53 15.49 16.99 9.79
CA ARG C 53 16.41 16.19 10.58
C ARG C 53 15.67 15.10 11.33
N GLY C 54 14.59 15.47 12.00
CA GLY C 54 13.80 14.47 12.71
C GLY C 54 13.25 13.41 11.78
N PHE C 55 12.76 13.82 10.61
CA PHE C 55 12.15 12.87 9.68
C PHE C 55 13.17 11.87 9.17
N VAL C 56 14.35 12.35 8.77
CA VAL C 56 15.35 11.43 8.26
C VAL C 56 15.84 10.52 9.37
N HIS C 57 15.98 11.04 10.59
CA HIS C 57 16.39 10.20 11.69
C HIS C 57 15.36 9.11 11.94
N MET C 58 14.07 9.45 11.89
CA MET C 58 13.03 8.47 12.14
C MET C 58 13.01 7.38 11.07
N LYS C 59 13.11 7.79 9.79
CA LYS C 59 13.10 6.80 8.73
C LYS C 59 14.32 5.88 8.83
N LEU C 60 15.48 6.46 9.11
CA LEU C 60 16.67 5.64 9.28
C LEU C 60 16.53 4.70 10.46
N HIS C 61 15.93 5.17 11.55
CA HIS C 61 15.74 4.33 12.73
C HIS C 61 14.88 3.13 12.39
N LYS C 62 13.75 3.36 11.73
CA LYS C 62 12.87 2.25 11.38
C LYS C 62 13.58 1.27 10.45
N LEU C 63 14.24 1.80 9.42
CA LEU C 63 14.89 0.92 8.45
C LEU C 63 16.00 0.11 9.09
N VAL C 64 16.80 0.75 9.94
CA VAL C 64 17.91 0.04 10.56
C VAL C 64 17.41 -0.99 11.55
N GLN C 65 16.32 -0.70 12.27
CA GLN C 65 15.75 -1.71 13.15
C GLN C 65 15.29 -2.92 12.36
N LYS C 66 14.62 -2.69 11.24
CA LYS C 66 14.14 -3.81 10.44
C LYS C 66 15.31 -4.62 9.88
N SER C 67 16.36 -3.92 9.42
CA SER C 67 17.54 -4.61 8.91
C SER C 67 18.21 -5.42 10.01
N LEU C 68 18.27 -4.87 11.24
CA LEU C 68 18.84 -5.60 12.35
C LEU C 68 18.03 -6.86 12.63
N LEU C 69 16.71 -6.77 12.55
CA LEU C 69 15.89 -7.97 12.74
C LEU C 69 16.21 -9.01 11.68
N ALA C 70 16.33 -8.58 10.42
CA ALA C 70 16.67 -9.51 9.36
C ALA C 70 18.02 -10.17 9.61
N MET C 71 19.00 -9.37 10.03
CA MET C 71 20.32 -9.91 10.34
C MET C 71 20.22 -10.94 11.46
N GLN C 72 19.48 -10.62 12.51
CA GLN C 72 19.35 -11.54 13.64
C GLN C 72 18.68 -12.83 13.23
N LEU C 73 17.74 -12.77 12.27
CA LEU C 73 17.03 -13.98 11.87
C LEU C 73 17.99 -15.01 11.26
N ALA C 74 18.93 -14.56 10.46
CA ALA C 74 19.81 -15.47 9.74
C ALA C 74 20.92 -16.04 10.60
N LYS C 75 20.88 -15.85 11.92
CA LYS C 75 21.95 -16.26 12.82
C LYS C 75 23.28 -15.70 12.33
N ARG C 76 23.26 -14.44 11.93
CA ARG C 76 24.36 -13.75 11.28
C ARG C 76 25.03 -12.83 12.28
N LYS C 77 26.09 -12.14 11.84
CA LYS C 77 26.73 -11.14 12.67
C LYS C 77 27.07 -9.85 11.93
N THR C 78 26.72 -9.73 10.65
CA THR C 78 26.98 -8.52 9.87
C THR C 78 26.09 -8.55 8.63
N ILE C 79 25.48 -7.41 8.33
CA ILE C 79 24.45 -7.34 7.30
C ILE C 79 25.08 -7.32 5.92
N MET C 80 24.32 -7.79 4.94
CA MET C 80 24.69 -7.74 3.53
C MET C 80 23.62 -6.98 2.75
N LYS C 81 23.83 -6.90 1.44
CA LYS C 81 22.81 -6.29 0.59
C LYS C 81 21.52 -7.09 0.59
N SER C 82 21.62 -8.40 0.83
CA SER C 82 20.42 -9.24 0.86
C SER C 82 19.49 -8.81 1.98
N ASP C 83 20.05 -8.55 3.16
CA ASP C 83 19.22 -8.13 4.28
C ASP C 83 18.50 -6.83 3.97
N VAL C 84 19.23 -5.86 3.40
CA VAL C 84 18.64 -4.58 3.09
C VAL C 84 17.56 -4.71 2.03
N LYS C 85 17.79 -5.53 1.00
CA LYS C 85 16.78 -5.68 -0.03
C LYS C 85 15.55 -6.40 0.52
N LYS C 86 15.75 -7.35 1.44
CA LYS C 86 14.61 -8.00 2.07
C LYS C 86 13.80 -6.99 2.88
N ALA C 87 14.49 -6.11 3.62
CA ALA C 87 13.78 -5.07 4.35
C ALA C 87 13.08 -4.13 3.39
N ALA C 88 13.69 -3.85 2.25
CA ALA C 88 13.08 -2.94 1.29
C ALA C 88 11.81 -3.52 0.71
N GLU C 89 11.84 -4.80 0.31
CA GLU C 89 10.63 -5.48 -0.12
C GLU C 89 9.61 -5.52 1.01
N LEU C 90 10.10 -5.48 2.26
CA LEU C 90 9.20 -5.49 3.39
C LEU C 90 8.42 -4.19 3.51
N MET C 91 9.04 -3.06 3.17
CA MET C 91 8.30 -1.82 3.24
C MET C 91 7.30 -1.66 2.10
N HIS C 92 7.09 -2.70 1.30
CA HIS C 92 6.24 -2.62 0.11
C HIS C 92 6.74 -1.53 -0.83
N LEU C 93 8.04 -1.26 -0.78
CA LEU C 93 8.68 -0.21 -1.57
C LEU C 93 9.66 -0.84 -2.55
N PRO C 94 9.31 -0.95 -3.82
CA PRO C 94 10.23 -1.54 -4.80
C PRO C 94 11.43 -0.64 -5.05
N VAL C 95 12.54 -1.27 -5.41
CA VAL C 95 13.75 -0.55 -5.80
C VAL C 95 14.48 -1.40 -6.83
N PHE C 96 15.16 -0.72 -7.76
CA PHE C 96 15.79 -1.38 -8.90
C PHE C 96 17.31 -1.23 -8.85
N ALA C 97 17.87 -1.12 -7.64
CA ALA C 97 19.29 -0.84 -7.49
C ALA C 97 20.08 -2.12 -7.24
N ILE C 98 21.33 -2.11 -7.71
CA ILE C 98 22.25 -3.23 -7.52
C ILE C 98 23.59 -2.64 -7.09
N PRO C 99 24.30 -3.24 -6.13
CA PRO C 99 25.60 -2.70 -5.74
C PRO C 99 26.64 -2.77 -6.85
N THR C 100 26.85 -3.98 -7.40
CA THR C 100 27.90 -4.30 -8.37
C THR C 100 29.17 -3.45 -8.21
N GLU C 131 21.29 29.28 -11.09
CA GLU C 131 21.54 28.84 -9.72
C GLU C 131 20.87 27.51 -9.42
N VAL C 132 19.78 27.59 -8.65
CA VAL C 132 19.08 26.38 -8.22
C VAL C 132 18.49 25.63 -9.40
N ARG C 133 17.98 26.36 -10.40
CA ARG C 133 17.41 25.70 -11.57
C ARG C 133 18.47 24.88 -12.29
N SER C 134 19.70 25.38 -12.35
CA SER C 134 20.77 24.66 -13.02
C SER C 134 21.43 23.65 -12.08
N GLN C 135 20.61 22.81 -11.43
CA GLN C 135 21.12 21.86 -10.45
C GLN C 135 20.47 20.48 -10.47
N MET C 136 19.23 20.35 -10.96
CA MET C 136 18.55 19.04 -10.87
C MET C 136 19.25 17.99 -11.71
N LYS C 137 19.94 18.42 -12.77
CA LYS C 137 20.65 17.46 -13.61
C LYS C 137 21.76 16.75 -12.84
N SER C 138 22.23 17.36 -11.74
CA SER C 138 23.29 16.74 -10.97
C SER C 138 22.79 15.48 -10.29
N THR C 139 23.52 14.38 -10.48
CA THR C 139 23.21 13.11 -9.83
C THR C 139 23.97 12.93 -8.52
N CYS C 140 24.97 13.78 -8.26
CA CYS C 140 25.77 13.66 -7.05
C CYS C 140 24.89 13.75 -5.81
N LEU C 141 25.16 12.87 -4.85
CA LEU C 141 24.34 12.73 -3.67
C LEU C 141 24.80 13.69 -2.58
N ILE C 142 23.87 14.07 -1.70
CA ILE C 142 24.07 15.22 -0.81
C ILE C 142 24.75 14.83 0.50
N ILE C 143 24.09 13.98 1.29
CA ILE C 143 24.57 13.75 2.66
C ILE C 143 25.96 13.11 2.61
N PRO C 144 26.91 13.58 3.40
CA PRO C 144 28.25 12.97 3.40
C PRO C 144 28.20 11.54 3.88
N LYS C 145 29.13 10.73 3.35
CA LYS C 145 29.08 9.29 3.59
C LYS C 145 29.39 8.95 5.05
N GLU C 146 30.47 9.50 5.60
CA GLU C 146 30.87 9.07 6.94
C GLU C 146 29.87 9.53 7.99
N ARG C 147 29.19 10.66 7.79
CA ARG C 147 28.17 11.07 8.72
C ARG C 147 27.07 10.02 8.81
N PHE C 148 26.68 9.48 7.66
CA PHE C 148 25.61 8.49 7.64
C PHE C 148 26.09 7.18 8.25
N ARG C 149 27.35 6.83 8.04
CA ARG C 149 27.93 5.66 8.70
C ARG C 149 27.94 5.84 10.21
N THR C 150 28.29 7.03 10.69
CA THR C 150 28.26 7.30 12.12
C THR C 150 26.85 7.20 12.68
N MET C 151 25.88 7.72 11.92
CA MET C 151 24.49 7.60 12.34
C MET C 151 24.10 6.13 12.48
N ALA C 152 24.47 5.32 11.49
CA ALA C 152 24.14 3.89 11.55
C ALA C 152 24.81 3.22 12.74
N LYS C 153 26.08 3.54 12.99
CA LYS C 153 26.78 2.94 14.12
C LYS C 153 26.12 3.32 15.43
N GLU C 154 25.76 4.58 15.59
CA GLU C 154 25.11 5.01 16.83
C GLU C 154 23.76 4.32 17.01
N ILE C 155 22.96 4.28 15.96
CA ILE C 155 21.62 3.71 16.09
C ILE C 155 21.70 2.21 16.30
N SER C 156 22.76 1.57 15.83
CA SER C 156 22.96 0.16 16.15
C SER C 156 23.42 -0.02 17.58
N LYS C 157 24.28 0.87 18.07
CA LYS C 157 24.76 0.79 19.44
C LYS C 157 23.63 0.95 20.43
N LYS C 158 22.70 1.89 20.15
CA LYS C 158 21.54 2.06 21.01
C LYS C 158 20.70 0.79 21.06
N GLU C 159 20.82 -0.08 20.06
CA GLU C 159 20.18 -1.38 20.07
C GLU C 159 21.10 -2.46 20.66
N GLY C 160 22.28 -2.09 21.13
CA GLY C 160 23.19 -3.04 21.72
C GLY C 160 23.71 -4.09 20.76
N HIS C 161 24.14 -3.67 19.57
CA HIS C 161 24.64 -4.61 18.57
C HIS C 161 25.76 -3.93 17.78
N ASP C 162 27.01 -4.24 18.16
CA ASP C 162 28.19 -3.73 17.47
C ASP C 162 28.43 -4.54 16.19
N VAL C 163 27.52 -4.37 15.25
CA VAL C 163 27.49 -5.17 14.03
C VAL C 163 28.11 -4.35 12.90
N HIS C 164 29.01 -4.98 12.15
CA HIS C 164 29.64 -4.32 11.03
C HIS C 164 28.64 -4.13 9.88
N ILE C 165 28.93 -3.14 9.03
CA ILE C 165 28.06 -2.76 7.93
C ILE C 165 28.88 -2.72 6.65
N ALA C 166 28.37 -3.32 5.59
CA ALA C 166 29.03 -3.31 4.30
C ALA C 166 28.55 -2.15 3.45
N GLU C 167 29.44 -1.67 2.57
CA GLU C 167 29.17 -0.44 1.83
C GLU C 167 27.97 -0.57 0.89
N ALA C 168 27.69 -1.78 0.39
CA ALA C 168 26.50 -1.95 -0.43
C ALA C 168 25.25 -1.65 0.36
N ALA C 169 25.19 -2.15 1.60
CA ALA C 169 24.07 -1.82 2.48
C ALA C 169 23.96 -0.32 2.66
N LEU C 170 25.10 0.35 2.83
CA LEU C 170 25.08 1.80 2.87
C LEU C 170 24.37 2.35 1.64
N ASP C 171 24.98 2.15 0.48
CA ASP C 171 24.45 2.65 -0.79
C ASP C 171 22.94 2.53 -0.85
N MET C 172 22.44 1.33 -0.57
CA MET C 172 21.00 1.13 -0.55
C MET C 172 20.32 2.06 0.45
N LEU C 173 20.89 2.17 1.65
CA LEU C 173 20.26 2.97 2.70
C LEU C 173 20.16 4.44 2.31
N GLN C 174 21.28 5.05 1.91
CA GLN C 174 21.14 6.47 1.60
C GLN C 174 20.32 6.70 0.36
N VAL C 175 20.37 5.81 -0.64
CA VAL C 175 19.56 6.07 -1.82
C VAL C 175 18.07 6.00 -1.47
N ILE C 176 17.66 5.02 -0.66
CA ILE C 176 16.25 4.91 -0.34
C ILE C 176 15.82 6.08 0.55
N VAL C 177 16.69 6.50 1.47
CA VAL C 177 16.30 7.58 2.37
C VAL C 177 16.19 8.89 1.61
N GLU C 178 17.09 9.13 0.65
CA GLU C 178 16.97 10.36 -0.13
C GLU C 178 15.72 10.32 -1.00
N SER C 179 15.38 9.14 -1.52
CA SER C 179 14.13 9.04 -2.28
C SER C 179 12.95 9.44 -1.43
N CYS C 180 12.81 8.85 -0.24
CA CYS C 180 11.66 9.17 0.59
C CYS C 180 11.66 10.65 0.98
N THR C 181 12.81 11.20 1.36
CA THR C 181 12.82 12.58 1.81
C THR C 181 12.50 13.54 0.66
N VAL C 182 12.98 13.24 -0.55
CA VAL C 182 12.68 14.13 -1.67
C VAL C 182 11.20 14.05 -2.04
N ARG C 183 10.61 12.87 -1.95
CA ARG C 183 9.19 12.76 -2.23
C ARG C 183 8.38 13.56 -1.22
N LEU C 184 8.72 13.43 0.06
CA LEU C 184 8.01 14.19 1.08
C LEU C 184 8.18 15.69 0.87
N LEU C 185 9.40 16.12 0.54
CA LEU C 185 9.65 17.53 0.36
C LEU C 185 8.89 18.08 -0.85
N GLU C 186 8.79 17.29 -1.92
CA GLU C 186 8.01 17.71 -3.08
C GLU C 186 6.54 17.88 -2.72
N LYS C 187 6.00 16.92 -1.96
CA LYS C 187 4.61 17.05 -1.53
C LYS C 187 4.43 18.31 -0.69
N ALA C 188 5.40 18.60 0.18
CA ALA C 188 5.32 19.82 0.97
C ALA C 188 5.35 21.05 0.08
N LEU C 189 6.19 21.04 -0.95
CA LEU C 189 6.26 22.19 -1.83
C LEU C 189 4.93 22.42 -2.54
N VAL C 190 4.29 21.32 -2.97
CA VAL C 190 3.00 21.43 -3.63
C VAL C 190 1.97 22.03 -2.68
N ILE C 191 1.94 21.53 -1.44
CA ILE C 191 0.92 22.03 -0.52
C ILE C 191 1.18 23.49 -0.17
N THR C 192 2.46 23.91 -0.17
CA THR C 192 2.76 25.32 0.06
C THR C 192 2.27 26.19 -1.09
N TYR C 193 2.55 25.77 -2.34
CA TYR C 193 2.03 26.54 -3.47
C TYR C 193 0.51 26.62 -3.42
N SER C 194 -0.14 25.53 -3.01
CA SER C 194 -1.60 25.54 -2.91
C SER C 194 -2.08 26.57 -1.89
N GLY C 195 -1.24 26.93 -0.94
CA GLY C 195 -1.64 27.86 0.09
C GLY C 195 -1.57 29.30 -0.35
N LYS C 196 -1.33 29.51 -1.64
CA LYS C 196 -1.16 30.86 -2.20
C LYS C 196 -0.01 31.59 -1.52
N ARG C 197 1.04 30.86 -1.21
CA ARG C 197 2.26 31.41 -0.61
C ARG C 197 3.46 30.96 -1.43
N THR C 198 4.61 31.57 -1.14
CA THR C 198 5.80 31.35 -1.94
C THR C 198 6.97 30.72 -1.19
N ARG C 199 6.89 30.59 0.13
CA ARG C 199 7.95 29.99 0.91
C ARG C 199 7.42 28.76 1.63
N VAL C 200 8.24 28.19 2.51
CA VAL C 200 7.86 27.02 3.29
C VAL C 200 8.14 27.30 4.76
N THR C 201 7.29 26.77 5.63
CA THR C 201 7.45 26.88 7.06
C THR C 201 7.35 25.50 7.70
N SER C 202 7.77 25.41 8.96
CA SER C 202 7.76 24.13 9.65
C SER C 202 6.34 23.57 9.74
N LYS C 203 5.35 24.44 9.95
CA LYS C 203 3.98 24.00 9.95
C LYS C 203 3.60 23.36 8.62
N ASP C 204 4.20 23.83 7.53
CA ASP C 204 3.88 23.27 6.22
C ASP C 204 4.30 21.82 6.11
N ILE C 205 5.56 21.53 6.48
CA ILE C 205 6.01 20.15 6.39
C ILE C 205 5.33 19.29 7.45
N GLU C 206 4.96 19.88 8.59
CA GLU C 206 4.17 19.14 9.57
C GLU C 206 2.85 18.71 8.96
N THR C 207 2.18 19.62 8.25
CA THR C 207 0.95 19.29 7.56
C THR C 207 1.19 18.21 6.51
N ALA C 208 2.29 18.33 5.76
CA ALA C 208 2.59 17.35 4.72
C ALA C 208 2.76 15.96 5.32
N PHE C 209 3.46 15.87 6.45
CA PHE C 209 3.57 14.59 7.14
C PHE C 209 2.21 14.10 7.60
N MET C 210 1.38 15.00 8.11
CA MET C 210 0.07 14.60 8.62
C MET C 210 -0.79 14.01 7.52
N LEU C 211 -0.75 14.60 6.32
CA LEU C 211 -1.55 14.08 5.21
C LEU C 211 -1.07 12.71 4.77
N GLU C 212 0.25 12.55 4.58
CA GLU C 212 0.74 11.33 3.97
C GLU C 212 0.48 10.11 4.86
N HIS C 213 0.86 10.19 6.12
CA HIS C 213 0.62 9.11 7.08
C HIS C 213 -0.69 9.38 7.81
N GLY C 214 -0.94 8.62 8.87
CA GLY C 214 -2.14 8.78 9.65
C GLY C 214 -1.96 9.72 10.82
N PRO C 215 -2.21 9.22 12.02
CA PRO C 215 -2.11 10.08 13.21
C PRO C 215 -0.68 10.29 13.66
N LEU C 216 -0.50 10.94 14.81
CA LEU C 216 0.80 11.23 15.41
C LEU C 216 1.84 11.74 14.41
N HIS D 15 -7.53 16.92 -14.16
CA HIS D 15 -8.68 17.43 -13.43
C HIS D 15 -9.87 16.50 -13.58
N LEU D 16 -10.64 16.35 -12.50
CA LEU D 16 -11.83 15.53 -12.52
C LEU D 16 -12.99 16.20 -13.26
N ALA D 17 -12.84 17.48 -13.60
CA ALA D 17 -13.93 18.20 -14.27
C ALA D 17 -14.28 17.56 -15.60
N ASP D 18 -13.26 17.17 -16.37
CA ASP D 18 -13.52 16.52 -17.66
C ASP D 18 -14.15 15.15 -17.51
N HIS D 19 -13.97 14.50 -16.36
CA HIS D 19 -14.46 13.13 -16.21
C HIS D 19 -15.97 13.06 -16.24
N VAL D 20 -16.64 14.02 -15.61
CA VAL D 20 -18.10 14.03 -15.61
C VAL D 20 -18.60 14.40 -17.00
N SER D 21 -19.61 13.69 -17.48
CA SER D 21 -20.19 13.90 -18.79
C SER D 21 -21.70 14.11 -18.65
N VAL D 22 -22.39 14.10 -19.78
CA VAL D 22 -23.83 14.32 -19.83
C VAL D 22 -24.48 13.08 -20.44
N GLY D 23 -25.55 12.61 -19.81
CA GLY D 23 -26.27 11.46 -20.32
C GLY D 23 -26.53 10.41 -19.27
N GLU D 24 -25.56 10.21 -18.37
CA GLU D 24 -25.72 9.25 -17.30
C GLU D 24 -26.51 9.86 -16.15
N THR D 25 -26.85 9.02 -15.17
CA THR D 25 -27.65 9.47 -14.06
C THR D 25 -26.86 10.39 -13.13
N GLN D 26 -27.60 11.26 -12.45
CA GLN D 26 -27.06 12.34 -11.64
C GLN D 26 -27.21 12.04 -10.15
N ILE D 27 -26.13 12.19 -9.41
CA ILE D 27 -26.22 12.11 -7.95
C ILE D 27 -26.82 13.40 -7.42
N PRO D 28 -27.87 13.35 -6.60
CA PRO D 28 -28.48 14.57 -6.11
C PRO D 28 -27.54 15.36 -5.21
N LYS D 29 -27.71 16.67 -5.22
CA LYS D 29 -26.83 17.54 -4.45
C LYS D 29 -26.94 17.27 -2.95
N ALA D 30 -28.17 17.02 -2.48
CA ALA D 30 -28.37 16.78 -1.05
C ALA D 30 -27.45 15.67 -0.55
N SER D 31 -27.19 14.68 -1.40
CA SER D 31 -26.15 13.70 -1.07
C SER D 31 -24.81 14.39 -0.83
N THR D 32 -24.49 15.39 -1.64
CA THR D 32 -23.22 16.08 -1.47
C THR D 32 -23.16 16.81 -0.15
N GLN D 33 -24.18 17.60 0.18
CA GLN D 33 -24.14 18.29 1.47
C GLN D 33 -24.12 17.30 2.62
N HIS D 34 -24.87 16.21 2.51
CA HIS D 34 -24.86 15.21 3.57
C HIS D 34 -23.47 14.60 3.74
N LEU D 35 -22.80 14.32 2.62
CA LEU D 35 -21.45 13.78 2.70
C LEU D 35 -20.50 14.77 3.38
N LEU D 36 -20.61 16.05 3.03
CA LEU D 36 -19.76 17.05 3.67
C LEU D 36 -20.04 17.15 5.16
N ARG D 37 -21.32 17.06 5.55
CA ARG D 37 -21.64 17.06 6.98
C ARG D 37 -21.04 15.83 7.66
N LYS D 38 -21.09 14.68 7.00
CA LYS D 38 -20.50 13.48 7.58
C LYS D 38 -19.00 13.63 7.75
N ALA D 39 -18.33 14.24 6.77
CA ALA D 39 -16.91 14.49 6.87
C ALA D 39 -16.57 15.54 7.91
N GLY D 40 -17.56 16.27 8.42
CA GLY D 40 -17.35 17.24 9.46
C GLY D 40 -17.30 18.69 9.00
N SER D 41 -17.49 18.95 7.71
CA SER D 41 -17.45 20.31 7.22
C SER D 41 -18.68 21.09 7.70
N LEU D 42 -18.59 22.42 7.61
CA LEU D 42 -19.69 23.26 8.05
C LEU D 42 -20.80 23.32 7.01
N SER D 43 -20.50 23.83 5.82
CA SER D 43 -21.49 23.86 4.75
C SER D 43 -20.77 23.94 3.41
N ALA D 44 -21.46 23.50 2.37
CA ALA D 44 -20.86 23.27 1.06
C ALA D 44 -20.90 24.53 0.21
N ALA D 45 -20.01 24.57 -0.78
CA ALA D 45 -19.95 25.68 -1.71
C ALA D 45 -20.86 25.43 -2.90
N GLY D 46 -20.97 26.43 -3.78
CA GLY D 46 -21.90 26.36 -4.87
C GLY D 46 -21.47 25.53 -6.05
N ASP D 47 -20.28 24.94 -6.00
CA ASP D 47 -19.76 24.18 -7.12
C ASP D 47 -19.10 22.87 -6.74
N THR D 48 -19.09 22.51 -5.45
CA THR D 48 -18.35 21.33 -5.01
C THR D 48 -18.94 20.03 -5.53
N GLU D 49 -20.18 20.06 -6.03
CA GLU D 49 -20.85 18.84 -6.44
C GLU D 49 -20.14 18.17 -7.61
N VAL D 50 -19.69 18.96 -8.59
CA VAL D 50 -19.12 18.38 -9.81
C VAL D 50 -17.86 17.57 -9.52
N PRO D 51 -16.86 18.09 -8.81
CA PRO D 51 -15.66 17.27 -8.57
C PRO D 51 -15.95 15.99 -7.79
N ILE D 52 -16.78 16.05 -6.76
CA ILE D 52 -17.03 14.85 -5.96
C ILE D 52 -17.82 13.84 -6.77
N ARG D 53 -18.78 14.30 -7.58
CA ARG D 53 -19.52 13.37 -8.42
C ARG D 53 -18.59 12.71 -9.43
N GLY D 54 -17.69 13.49 -10.02
CA GLY D 54 -16.71 12.88 -10.92
C GLY D 54 -15.87 11.85 -10.21
N PHE D 55 -15.44 12.16 -8.98
CA PHE D 55 -14.61 11.21 -8.24
C PHE D 55 -15.35 9.91 -7.99
N VAL D 56 -16.59 10.00 -7.51
CA VAL D 56 -17.32 8.77 -7.20
C VAL D 56 -17.61 7.99 -8.47
N HIS D 57 -17.93 8.69 -9.56
CA HIS D 57 -18.19 8.02 -10.82
C HIS D 57 -16.95 7.26 -11.30
N MET D 58 -15.78 7.90 -11.23
CA MET D 58 -14.58 7.25 -11.71
C MET D 58 -14.20 6.07 -10.82
N LYS D 59 -14.37 6.22 -9.51
CA LYS D 59 -14.05 5.11 -8.62
C LYS D 59 -14.95 3.91 -8.89
N LEU D 60 -16.25 4.16 -9.01
CA LEU D 60 -17.16 3.05 -9.31
C LEU D 60 -16.84 2.45 -10.67
N HIS D 61 -16.43 3.28 -11.63
CA HIS D 61 -16.02 2.78 -12.93
C HIS D 61 -14.87 1.80 -12.79
N LYS D 62 -13.83 2.19 -12.04
CA LYS D 62 -12.67 1.31 -11.89
C LYS D 62 -13.06 0.01 -11.19
N LEU D 63 -13.84 0.10 -10.12
CA LEU D 63 -14.21 -1.10 -9.39
C LEU D 63 -15.07 -2.03 -10.23
N VAL D 64 -16.04 -1.49 -10.96
CA VAL D 64 -16.88 -2.36 -11.77
C VAL D 64 -16.07 -2.95 -12.93
N GLN D 65 -15.08 -2.22 -13.43
CA GLN D 65 -14.25 -2.77 -14.51
C GLN D 65 -13.44 -3.95 -14.00
N LYS D 66 -12.82 -3.82 -12.83
CA LYS D 66 -12.12 -4.96 -12.24
C LYS D 66 -13.08 -6.10 -11.93
N SER D 67 -14.31 -5.77 -11.55
CA SER D 67 -15.32 -6.80 -11.30
C SER D 67 -15.62 -7.60 -12.56
N LEU D 68 -15.76 -6.91 -13.69
CA LEU D 68 -15.94 -7.63 -14.95
C LEU D 68 -14.70 -8.42 -15.33
N LEU D 69 -13.52 -7.92 -14.98
CA LEU D 69 -12.31 -8.72 -15.18
C LEU D 69 -12.40 -10.03 -14.44
N ALA D 70 -12.86 -9.99 -13.20
CA ALA D 70 -13.09 -11.22 -12.45
C ALA D 70 -14.18 -12.07 -13.11
N MET D 71 -15.24 -11.41 -13.59
CA MET D 71 -16.35 -12.10 -14.22
C MET D 71 -15.90 -12.97 -15.38
N GLN D 72 -15.10 -12.40 -16.28
CA GLN D 72 -14.74 -13.11 -17.50
C GLN D 72 -13.99 -14.40 -17.22
N LEU D 73 -13.41 -14.54 -16.03
CA LEU D 73 -12.62 -15.72 -15.73
C LEU D 73 -13.49 -16.96 -15.58
N ALA D 74 -14.59 -16.85 -14.82
CA ALA D 74 -15.41 -18.00 -14.49
C ALA D 74 -16.56 -18.23 -15.45
N LYS D 75 -16.71 -17.38 -16.47
CA LYS D 75 -17.73 -17.52 -17.51
C LYS D 75 -19.15 -17.47 -16.94
N ARG D 76 -19.31 -17.00 -15.71
CA ARG D 76 -20.62 -16.86 -15.11
C ARG D 76 -21.26 -15.55 -15.57
N LYS D 77 -22.49 -15.29 -15.09
CA LYS D 77 -23.17 -14.06 -15.49
C LYS D 77 -23.87 -13.36 -14.32
N THR D 78 -23.47 -13.66 -13.08
CA THR D 78 -23.93 -12.91 -11.92
C THR D 78 -22.75 -12.68 -10.98
N ILE D 79 -22.61 -11.45 -10.51
CA ILE D 79 -21.51 -11.11 -9.62
C ILE D 79 -21.86 -11.56 -8.22
N MET D 80 -21.01 -12.40 -7.64
CA MET D 80 -21.21 -12.87 -6.27
C MET D 80 -20.26 -12.14 -5.33
N LYS D 81 -20.49 -12.35 -4.03
CA LYS D 81 -19.64 -11.72 -3.03
C LYS D 81 -18.18 -12.08 -3.21
N SER D 82 -17.91 -13.29 -3.72
CA SER D 82 -16.54 -13.66 -4.02
C SER D 82 -15.93 -12.72 -5.05
N ASP D 83 -16.70 -12.38 -6.07
CA ASP D 83 -16.19 -11.50 -7.12
C ASP D 83 -15.81 -10.14 -6.56
N VAL D 84 -16.72 -9.54 -5.79
CA VAL D 84 -16.45 -8.20 -5.27
C VAL D 84 -15.32 -8.22 -4.26
N LYS D 85 -15.21 -9.30 -3.46
CA LYS D 85 -14.13 -9.34 -2.49
C LYS D 85 -12.78 -9.52 -3.18
N LYS D 86 -12.75 -10.31 -4.25
CA LYS D 86 -11.51 -10.41 -5.04
C LYS D 86 -11.14 -9.06 -5.63
N ALA D 87 -12.12 -8.35 -6.17
CA ALA D 87 -11.86 -7.04 -6.74
C ALA D 87 -11.32 -6.08 -5.69
N ALA D 88 -11.91 -6.09 -4.51
CA ALA D 88 -11.46 -5.21 -3.44
C ALA D 88 -10.04 -5.55 -3.00
N GLU D 89 -9.73 -6.85 -2.86
CA GLU D 89 -8.44 -7.21 -2.30
C GLU D 89 -7.31 -7.03 -3.31
N LEU D 90 -7.57 -7.24 -4.60
CA LEU D 90 -6.49 -7.07 -5.58
C LEU D 90 -6.02 -5.63 -5.63
N MET D 91 -6.84 -4.69 -5.20
CA MET D 91 -6.46 -3.29 -5.08
C MET D 91 -5.79 -3.00 -3.75
N HIS D 92 -5.62 -4.02 -2.91
CA HIS D 92 -5.05 -3.90 -1.57
C HIS D 92 -5.94 -3.09 -0.65
N LEU D 93 -7.21 -3.46 -0.55
CA LEU D 93 -8.16 -2.83 0.36
C LEU D 93 -8.75 -3.88 1.29
N PRO D 94 -8.42 -3.85 2.57
CA PRO D 94 -8.95 -4.86 3.50
C PRO D 94 -10.41 -4.64 3.87
N VAL D 95 -11.31 -5.22 3.07
CA VAL D 95 -12.74 -5.09 3.35
C VAL D 95 -13.11 -5.91 4.58
N PHE D 96 -13.93 -5.32 5.44
CA PHE D 96 -14.40 -5.98 6.65
C PHE D 96 -15.90 -6.15 6.73
N ALA D 97 -16.66 -5.66 5.75
CA ALA D 97 -18.10 -5.82 5.77
C ALA D 97 -18.48 -7.27 5.50
N ILE D 98 -19.72 -7.61 5.84
CA ILE D 98 -20.22 -8.97 5.69
C ILE D 98 -21.55 -8.97 4.95
N PRO D 99 -21.73 -9.84 3.97
CA PRO D 99 -23.05 -9.94 3.32
C PRO D 99 -24.13 -10.45 4.27
N THR D 100 -23.91 -11.64 4.83
CA THR D 100 -24.85 -12.28 5.75
C THR D 100 -26.29 -12.25 5.25
N GLU D 131 -23.64 21.01 14.06
CA GLU D 131 -24.73 20.08 13.79
C GLU D 131 -24.19 18.71 13.44
N VAL D 132 -22.87 18.55 13.53
CA VAL D 132 -22.24 17.28 13.15
C VAL D 132 -22.69 16.15 14.07
N ARG D 133 -23.05 16.46 15.32
CA ARG D 133 -23.54 15.42 16.21
C ARG D 133 -24.86 14.82 15.73
N SER D 134 -25.60 15.54 14.88
CA SER D 134 -26.89 15.04 14.41
C SER D 134 -26.75 13.81 13.54
N GLN D 135 -25.56 13.57 12.97
CA GLN D 135 -25.36 12.39 12.13
C GLN D 135 -24.12 11.60 12.50
N MET D 136 -23.37 11.99 13.53
CA MET D 136 -22.20 11.23 13.95
C MET D 136 -22.60 9.82 14.39
N LYS D 137 -23.67 9.72 15.18
CA LYS D 137 -24.16 8.42 15.60
C LYS D 137 -24.71 7.63 14.42
N SER D 138 -25.35 8.29 13.46
CA SER D 138 -25.96 7.59 12.35
C SER D 138 -24.89 7.03 11.42
N THR D 139 -25.02 5.75 11.07
CA THR D 139 -24.12 5.10 10.14
C THR D 139 -24.84 4.37 9.03
N CYS D 140 -26.10 4.72 8.76
CA CYS D 140 -26.80 4.14 7.63
C CYS D 140 -26.18 4.63 6.32
N LEU D 141 -26.53 3.96 5.23
CA LEU D 141 -26.09 4.40 3.91
C LEU D 141 -26.67 5.77 3.62
N ILE D 142 -25.79 6.71 3.26
CA ILE D 142 -26.21 8.10 3.09
C ILE D 142 -26.67 8.38 1.67
N ILE D 143 -26.54 7.42 0.77
CA ILE D 143 -26.90 7.61 -0.63
C ILE D 143 -28.10 6.73 -0.95
N PRO D 144 -29.03 7.18 -1.79
CA PRO D 144 -30.11 6.28 -2.22
C PRO D 144 -29.54 5.06 -2.94
N LYS D 145 -30.24 3.94 -2.75
CA LYS D 145 -29.71 2.68 -3.27
C LYS D 145 -29.99 2.49 -4.76
N GLU D 146 -31.21 2.79 -5.21
CA GLU D 146 -31.57 2.50 -6.60
C GLU D 146 -30.68 3.27 -7.56
N ARG D 147 -30.15 4.40 -7.14
CA ARG D 147 -29.27 5.18 -8.01
C ARG D 147 -28.07 4.36 -8.43
N PHE D 148 -27.48 3.62 -7.49
CA PHE D 148 -26.25 2.91 -7.84
C PHE D 148 -26.52 1.63 -8.62
N ARG D 149 -27.65 0.97 -8.39
CA ARG D 149 -27.97 -0.11 -9.31
C ARG D 149 -28.17 0.43 -10.72
N THR D 150 -28.79 1.60 -10.83
CA THR D 150 -28.92 2.21 -12.16
C THR D 150 -27.54 2.51 -12.73
N MET D 151 -26.64 3.05 -11.91
CA MET D 151 -25.29 3.32 -12.37
C MET D 151 -24.57 2.06 -12.82
N ALA D 152 -24.68 0.99 -12.03
CA ALA D 152 -24.01 -0.25 -12.36
C ALA D 152 -24.53 -0.83 -13.66
N LYS D 153 -25.85 -0.82 -13.84
CA LYS D 153 -26.42 -1.31 -15.08
C LYS D 153 -25.94 -0.47 -16.26
N GLU D 154 -25.91 0.85 -16.11
CA GLU D 154 -25.51 1.71 -17.22
C GLU D 154 -24.05 1.50 -17.58
N ILE D 155 -23.18 1.40 -16.58
CA ILE D 155 -21.75 1.24 -16.89
C ILE D 155 -21.49 -0.14 -17.48
N SER D 156 -22.19 -1.16 -16.99
CA SER D 156 -22.04 -2.48 -17.59
C SER D 156 -22.49 -2.48 -19.03
N LYS D 157 -23.60 -1.81 -19.33
CA LYS D 157 -24.06 -1.69 -20.71
C LYS D 157 -23.05 -0.93 -21.56
N LYS D 158 -22.46 0.12 -20.99
CA LYS D 158 -21.43 0.88 -21.71
C LYS D 158 -20.23 0.00 -22.03
N GLU D 159 -19.83 -0.85 -21.09
CA GLU D 159 -18.76 -1.80 -21.37
C GLU D 159 -19.21 -2.82 -22.40
N GLY D 160 -20.48 -3.22 -22.36
CA GLY D 160 -21.00 -4.18 -23.32
C GLY D 160 -21.27 -5.55 -22.72
N HIS D 161 -21.77 -5.58 -21.48
CA HIS D 161 -22.10 -6.84 -20.82
C HIS D 161 -23.30 -6.60 -19.92
N ASP D 162 -24.49 -6.87 -20.44
CA ASP D 162 -25.72 -6.77 -19.66
C ASP D 162 -25.75 -7.95 -18.68
N VAL D 163 -25.39 -7.68 -17.43
CA VAL D 163 -25.15 -8.73 -16.46
C VAL D 163 -25.97 -8.47 -15.20
N HIS D 164 -26.61 -9.51 -14.69
CA HIS D 164 -27.35 -9.39 -13.44
C HIS D 164 -26.39 -9.24 -12.27
N ILE D 165 -26.88 -8.59 -11.21
CA ILE D 165 -26.08 -8.24 -10.05
C ILE D 165 -26.86 -8.55 -8.78
N ALA D 166 -26.17 -9.03 -7.76
CA ALA D 166 -26.77 -9.37 -6.48
C ALA D 166 -26.54 -8.26 -5.47
N GLU D 167 -27.40 -8.21 -4.47
CA GLU D 167 -27.42 -7.08 -3.54
C GLU D 167 -26.18 -7.04 -2.66
N ALA D 168 -25.58 -8.20 -2.35
CA ALA D 168 -24.42 -8.21 -1.49
C ALA D 168 -23.25 -7.45 -2.13
N ALA D 169 -23.05 -7.65 -3.42
CA ALA D 169 -22.03 -6.89 -4.14
C ALA D 169 -22.35 -5.40 -4.07
N LEU D 170 -23.63 -5.04 -4.16
CA LEU D 170 -24.01 -3.65 -4.05
C LEU D 170 -23.63 -3.08 -2.69
N ASP D 171 -23.87 -3.84 -1.62
CA ASP D 171 -23.53 -3.37 -0.29
C ASP D 171 -22.02 -3.18 -0.15
N MET D 172 -21.24 -4.11 -0.70
CA MET D 172 -19.79 -3.96 -0.64
C MET D 172 -19.33 -2.72 -1.40
N LEU D 173 -19.91 -2.49 -2.58
CA LEU D 173 -19.57 -1.28 -3.32
C LEU D 173 -19.95 -0.05 -2.53
N GLN D 174 -21.10 -0.09 -1.87
CA GLN D 174 -21.53 1.02 -1.02
C GLN D 174 -20.46 1.36 0.00
N VAL D 175 -20.03 0.35 0.76
CA VAL D 175 -19.13 0.64 1.87
C VAL D 175 -17.78 1.11 1.36
N ILE D 176 -17.26 0.46 0.31
CA ILE D 176 -15.94 0.87 -0.18
C ILE D 176 -15.99 2.29 -0.71
N VAL D 177 -17.04 2.63 -1.46
CA VAL D 177 -17.07 3.96 -2.05
C VAL D 177 -17.27 5.02 -0.98
N GLU D 178 -18.11 4.75 0.02
CA GLU D 178 -18.30 5.74 1.07
C GLU D 178 -17.01 5.96 1.85
N SER D 179 -16.28 4.87 2.13
CA SER D 179 -15.02 5.01 2.83
C SER D 179 -14.04 5.86 2.05
N CYS D 180 -13.89 5.56 0.76
CA CYS D 180 -12.93 6.30 -0.06
C CYS D 180 -13.30 7.78 -0.11
N THR D 181 -14.58 8.08 -0.35
CA THR D 181 -14.96 9.46 -0.51
C THR D 181 -14.85 10.24 0.81
N VAL D 182 -15.20 9.61 1.94
CA VAL D 182 -15.08 10.33 3.20
C VAL D 182 -13.61 10.57 3.52
N ARG D 183 -12.74 9.61 3.18
CA ARG D 183 -11.31 9.83 3.35
C ARG D 183 -10.86 11.05 2.56
N LEU D 184 -11.26 11.11 1.29
CA LEU D 184 -10.80 12.20 0.43
C LEU D 184 -11.32 13.54 0.93
N LEU D 185 -12.59 13.59 1.35
CA LEU D 185 -13.12 14.85 1.89
C LEU D 185 -12.41 15.26 3.17
N GLU D 186 -12.08 14.30 4.05
CA GLU D 186 -11.36 14.66 5.25
C GLU D 186 -9.98 15.23 4.92
N LYS D 187 -9.30 14.63 3.94
CA LYS D 187 -8.02 15.18 3.50
C LYS D 187 -8.18 16.62 3.02
N ALA D 188 -9.19 16.85 2.18
CA ALA D 188 -9.41 18.21 1.68
C ALA D 188 -9.72 19.17 2.81
N LEU D 189 -10.48 18.72 3.80
CA LEU D 189 -10.86 19.57 4.92
C LEU D 189 -9.64 19.98 5.73
N VAL D 190 -8.76 19.03 6.03
CA VAL D 190 -7.58 19.40 6.79
C VAL D 190 -6.68 20.32 5.96
N ILE D 191 -6.65 20.13 4.64
CA ILE D 191 -5.87 21.03 3.80
C ILE D 191 -6.43 22.44 3.87
N THR D 192 -7.76 22.57 3.74
CA THR D 192 -8.34 23.91 3.68
C THR D 192 -8.26 24.61 5.03
N TYR D 193 -8.26 23.86 6.14
CA TYR D 193 -7.86 24.48 7.39
C TYR D 193 -6.41 24.93 7.35
N SER D 194 -5.53 24.11 6.77
CA SER D 194 -4.11 24.45 6.74
C SER D 194 -3.85 25.74 5.97
N GLY D 195 -4.77 26.15 5.11
CA GLY D 195 -4.59 27.39 4.37
C GLY D 195 -5.14 28.58 5.11
N LYS D 196 -5.39 28.42 6.42
CA LYS D 196 -5.97 29.48 7.25
C LYS D 196 -7.31 29.93 6.68
N ARG D 197 -8.09 28.98 6.17
CA ARG D 197 -9.40 29.24 5.60
C ARG D 197 -10.43 28.36 6.28
N THR D 198 -11.63 28.91 6.52
CA THR D 198 -12.71 28.19 7.17
C THR D 198 -13.76 27.71 6.18
N ARG D 199 -13.35 27.31 4.99
CA ARG D 199 -14.31 26.95 3.95
C ARG D 199 -13.64 26.02 2.96
N VAL D 200 -14.45 25.26 2.23
CA VAL D 200 -13.96 24.35 1.21
C VAL D 200 -14.14 25.01 -0.15
N THR D 201 -13.33 24.58 -1.12
CA THR D 201 -13.39 25.16 -2.44
C THR D 201 -13.00 24.08 -3.46
N SER D 202 -13.52 24.23 -4.69
CA SER D 202 -13.19 23.29 -5.74
C SER D 202 -11.69 23.18 -5.95
N LYS D 203 -10.98 24.29 -5.85
CA LYS D 203 -9.52 24.24 -5.93
C LYS D 203 -8.97 23.35 -4.82
N ASP D 204 -9.50 23.49 -3.61
CA ASP D 204 -9.05 22.67 -2.49
C ASP D 204 -9.30 21.21 -2.76
N ILE D 205 -10.50 20.86 -3.24
CA ILE D 205 -10.83 19.45 -3.40
C ILE D 205 -9.97 18.83 -4.51
N GLU D 206 -9.75 19.56 -5.60
CA GLU D 206 -8.96 18.96 -6.67
C GLU D 206 -7.50 18.85 -6.28
N THR D 207 -6.97 19.83 -5.55
CA THR D 207 -5.58 19.71 -5.13
C THR D 207 -5.42 18.63 -4.08
N ALA D 208 -6.47 18.39 -3.29
CA ALA D 208 -6.43 17.27 -2.34
C ALA D 208 -6.37 15.95 -3.08
N PHE D 209 -7.22 15.79 -4.10
CA PHE D 209 -7.15 14.55 -4.87
C PHE D 209 -5.79 14.39 -5.53
N MET D 210 -5.25 15.48 -6.08
CA MET D 210 -3.96 15.41 -6.75
C MET D 210 -2.88 15.03 -5.76
N LEU D 211 -3.02 15.45 -4.50
CA LEU D 211 -1.99 15.20 -3.51
C LEU D 211 -1.73 13.71 -3.29
N GLU D 212 -2.71 12.87 -3.61
CA GLU D 212 -2.48 11.43 -3.56
C GLU D 212 -1.35 11.05 -4.50
#